data_6XJ3
#
_entry.id   6XJ3
#
_cell.length_a   69.552
_cell.length_b   88.669
_cell.length_c   76.100
_cell.angle_alpha   90.000
_cell.angle_beta   99.150
_cell.angle_gamma   90.000
#
_symmetry.space_group_name_H-M   'P 1 21 1'
#
loop_
_entity.id
_entity.type
_entity.pdbx_description
1 polymer Beta-lactamase
2 non-polymer (2S,5R)-1-formyl-5-[(sulfooxy)amino]piperidine-2-carboxamide
3 non-polymer 1,2-ETHANEDIOL
4 non-polymer 'CALCIUM ION'
5 non-polymer DI(HYDROXYETHYL)ETHER
6 non-polymer 2-AMINO-2-HYDROXYMETHYL-PROPANE-1,3-DIOL
7 water water
#
_entity_poly.entity_id   1
_entity_poly.type   'polypeptide(L)'
_entity_poly.pdbx_seq_one_letter_code
;SNAQEGTLERSDWRKFFSEFQAKGTIVVADERQADRAMLVFDPVRSKKRYSPASTFKIPHTLFALDAGAVRDEFQIFRWD
GVNRGFAGHNQDQDLRSAMRNSTVWVYELFAKEIGDDKARRYLKKIDYGNADPSTSNGDYWIEGSLAISAQEQIAFLRKL
YRNELPFRVEHQRLVKDLMIVEAGRNWILRAKTGWEGRMGWWVGWVEWPTGSVFFALNIDTPNRMDDLFKREAIVRAILR
SIEALPPNPAVNSDAAR
;
_entity_poly.pdbx_strand_id   A,B,C,D
#
loop_
_chem_comp.id
_chem_comp.type
_chem_comp.name
_chem_comp.formula
CA non-polymer 'CALCIUM ION' 'Ca 2'
EDO non-polymer 1,2-ETHANEDIOL 'C2 H6 O2'
NXL non-polymer (2S,5R)-1-formyl-5-[(sulfooxy)amino]piperidine-2-carboxamide 'C7 H13 N3 O6 S'
PEG non-polymer DI(HYDROXYETHYL)ETHER 'C4 H10 O3'
TRS non-polymer 2-AMINO-2-HYDROXYMETHYL-PROPANE-1,3-DIOL 'C4 H12 N O3 1'
#
# COMPACT_ATOMS: atom_id res chain seq x y z
N THR A 7 25.05 0.94 11.58
CA THR A 7 23.96 1.14 12.52
C THR A 7 23.92 2.59 13.01
N LEU A 8 22.76 3.22 12.91
CA LEU A 8 22.58 4.61 13.34
C LEU A 8 22.18 4.66 14.80
N GLU A 9 22.88 5.48 15.58
CA GLU A 9 22.58 5.61 17.00
C GLU A 9 21.43 6.58 17.18
N ARG A 10 20.38 6.14 17.86
CA ARG A 10 19.24 6.99 18.19
C ARG A 10 19.30 7.31 19.68
N SER A 11 20.26 8.15 20.06
CA SER A 11 20.38 8.49 21.48
C SER A 11 19.16 9.23 21.98
N ASP A 12 18.41 9.88 21.08
CA ASP A 12 17.14 10.50 21.49
C ASP A 12 16.14 9.48 22.01
N TRP A 13 16.34 8.19 21.72
CA TRP A 13 15.43 7.20 22.26
C TRP A 13 15.55 7.03 23.77
N ARG A 14 16.47 7.76 24.41
CA ARG A 14 16.57 7.74 25.87
C ARG A 14 15.24 8.11 26.51
N LYS A 15 14.46 8.97 25.86
CA LYS A 15 13.18 9.39 26.45
C LYS A 15 12.26 8.21 26.66
N PHE A 16 12.35 7.18 25.82
CA PHE A 16 11.46 6.03 25.98
C PHE A 16 11.87 5.17 27.16
N PHE A 17 13.17 4.98 27.36
CA PHE A 17 13.63 4.23 28.53
C PHE A 17 13.39 5.03 29.81
N SER A 18 13.59 6.34 29.74
CA SER A 18 13.30 7.19 30.90
C SER A 18 11.81 7.25 31.19
N GLU A 19 10.97 7.21 30.14
CA GLU A 19 9.53 7.20 30.33
C GLU A 19 9.08 6.09 31.27
N PHE A 20 9.83 4.98 31.30
CA PHE A 20 9.51 3.85 32.17
C PHE A 20 10.63 3.59 33.17
N GLN A 21 11.53 4.55 33.35
CA GLN A 21 12.59 4.49 34.36
C GLN A 21 13.39 3.19 34.25
N ALA A 22 13.93 2.96 33.06
CA ALA A 22 14.69 1.74 32.81
C ALA A 22 16.03 2.06 32.17
N LYS A 23 16.96 1.14 32.35
CA LYS A 23 18.27 1.19 31.68
C LYS A 23 18.37 -0.06 30.82
N GLY A 24 18.61 0.14 29.53
CA GLY A 24 18.70 -0.97 28.62
C GLY A 24 19.17 -0.56 27.25
N THR A 25 18.94 -1.45 26.29
CA THR A 25 19.34 -1.23 24.91
C THR A 25 18.23 -1.73 24.01
N ILE A 26 18.20 -1.22 22.79
CA ILE A 26 17.30 -1.80 21.79
C ILE A 26 17.95 -1.65 20.42
N VAL A 27 17.84 -2.71 19.63
CA VAL A 27 18.18 -2.71 18.22
C VAL A 27 16.90 -2.88 17.43
N VAL A 28 16.71 -2.05 16.41
CA VAL A 28 15.53 -2.09 15.55
C VAL A 28 16.01 -2.12 14.11
N ALA A 29 15.67 -3.18 13.38
CA ALA A 29 15.98 -3.29 11.95
C ALA A 29 14.70 -3.16 11.15
N ASP A 30 14.54 -2.02 10.47
CA ASP A 30 13.32 -1.70 9.74
C ASP A 30 13.53 -2.04 8.27
N GLU A 31 12.89 -3.12 7.81
CA GLU A 31 12.99 -3.49 6.40
C GLU A 31 11.85 -2.91 5.54
N ARG A 32 11.07 -1.98 6.06
CA ARG A 32 10.08 -1.32 5.21
C ARG A 32 10.80 -0.38 4.24
N GLN A 33 10.35 -0.36 2.98
CA GLN A 33 11.05 0.37 1.89
C GLN A 33 12.46 -0.26 1.78
N ALA A 34 13.51 0.51 1.50
CA ALA A 34 14.81 -0.11 1.31
C ALA A 34 15.94 0.77 1.83
N ASP A 35 16.97 0.11 2.37
CA ASP A 35 18.22 0.74 2.77
C ASP A 35 18.04 1.71 3.94
N ARG A 36 17.11 1.39 4.85
CA ARG A 36 17.00 2.12 6.11
C ARG A 36 18.09 1.67 7.09
N ALA A 37 18.65 2.63 7.81
CA ALA A 37 19.72 2.30 8.76
C ALA A 37 19.18 1.50 9.94
N MET A 38 19.98 0.56 10.43
CA MET A 38 19.65 -0.14 11.66
C MET A 38 19.78 0.82 12.85
N LEU A 39 18.71 0.91 13.64
CA LEU A 39 18.61 1.89 14.73
C LEU A 39 18.98 1.22 16.05
N VAL A 40 19.76 1.93 16.87
CA VAL A 40 20.24 1.35 18.13
C VAL A 40 20.26 2.43 19.20
N PHE A 41 19.69 2.10 20.36
CA PHE A 41 19.96 2.85 21.58
C PHE A 41 20.98 2.09 22.40
N ASP A 42 22.03 2.79 22.86
CA ASP A 42 23.20 2.24 23.56
C ASP A 42 23.89 1.20 22.71
N PRO A 43 24.65 1.61 21.68
CA PRO A 43 25.29 0.62 20.79
C PRO A 43 26.25 -0.31 21.49
N VAL A 44 26.96 0.14 22.53
CA VAL A 44 27.88 -0.75 23.22
C VAL A 44 27.12 -1.86 23.95
N ARG A 45 26.09 -1.48 24.71
CA ARG A 45 25.28 -2.50 25.36
C ARG A 45 24.57 -3.39 24.34
N SER A 46 24.21 -2.83 23.18
CA SER A 46 23.55 -3.64 22.15
C SER A 46 24.44 -4.78 21.65
N LYS A 47 25.75 -4.67 21.85
CA LYS A 47 26.68 -5.71 21.45
C LYS A 47 27.14 -6.56 22.64
N LYS A 48 26.62 -6.31 23.84
CA LYS A 48 26.98 -7.09 25.01
C LYS A 48 26.13 -8.35 25.09
N ARG A 49 26.78 -9.49 25.38
CA ARG A 49 26.09 -10.77 25.41
C ARG A 49 25.47 -11.00 26.78
N TYR A 50 24.21 -11.43 26.80
CA TYR A 50 23.52 -11.81 28.02
C TYR A 50 22.87 -13.17 27.83
N SER A 51 22.53 -13.81 28.94
CA SER A 51 21.80 -15.05 28.88
C SER A 51 20.48 -14.81 28.14
N PRO A 52 20.10 -15.69 27.22
CA PRO A 52 18.85 -15.45 26.46
C PRO A 52 17.61 -15.73 27.26
N ALA A 53 17.72 -16.50 28.36
CA ALA A 53 16.61 -16.85 29.24
C ALA A 53 15.48 -17.42 28.37
N SER A 54 14.23 -17.02 28.59
CA SER A 54 13.12 -17.65 27.87
C SER A 54 13.04 -17.25 26.39
N THR A 55 13.85 -16.29 25.92
CA THR A 55 13.90 -16.09 24.48
C THR A 55 14.54 -17.29 23.79
N PHE A 56 15.28 -18.12 24.53
CA PHE A 56 15.86 -19.33 23.95
C PHE A 56 14.79 -20.33 23.53
N LYS A 57 13.54 -20.19 23.95
CA LYS A 57 12.53 -21.13 23.49
C LYS A 57 12.35 -21.06 21.97
N ILE A 58 12.72 -19.96 21.34
CA ILE A 58 12.63 -19.86 19.88
C ILE A 58 13.56 -20.92 19.28
N PRO A 59 14.89 -20.83 19.46
CA PRO A 59 15.73 -21.88 18.86
C PRO A 59 15.55 -23.24 19.53
N HIS A 60 15.25 -23.27 20.82
CA HIS A 60 15.07 -24.54 21.53
C HIS A 60 13.96 -25.36 20.90
N THR A 61 12.87 -24.71 20.49
CA THR A 61 11.79 -25.44 19.84
C THR A 61 12.25 -26.00 18.49
N LEU A 62 13.07 -25.23 17.75
CA LEU A 62 13.63 -25.75 16.51
C LEU A 62 14.50 -26.98 16.77
N PHE A 63 15.32 -26.93 17.82
CA PHE A 63 16.13 -28.09 18.19
C PHE A 63 15.27 -29.29 18.50
N ALA A 64 14.23 -29.09 19.33
CA ALA A 64 13.41 -30.21 19.76
C ALA A 64 12.62 -30.81 18.59
N LEU A 65 12.14 -29.97 17.67
CA LEU A 65 11.48 -30.48 16.48
C LEU A 65 12.47 -31.23 15.58
N ASP A 66 13.67 -30.70 15.43
CA ASP A 66 14.64 -31.33 14.53
C ASP A 66 15.13 -32.66 15.06
N ALA A 67 15.10 -32.84 16.38
CA ALA A 67 15.61 -34.04 17.02
C ALA A 67 14.53 -35.06 17.34
N GLY A 68 13.26 -34.70 17.22
CA GLY A 68 12.18 -35.63 17.51
C GLY A 68 11.68 -35.60 18.93
N ALA A 69 12.14 -34.67 19.76
CA ALA A 69 11.59 -34.52 21.10
C ALA A 69 10.13 -34.11 21.08
N VAL A 70 9.68 -33.44 20.02
CA VAL A 70 8.28 -33.09 19.84
C VAL A 70 7.90 -33.31 18.38
N ARG A 71 6.71 -33.89 18.17
CA ARG A 71 6.26 -34.20 16.82
C ARG A 71 5.72 -32.97 16.11
N ASP A 72 4.74 -32.29 16.71
CA ASP A 72 4.06 -31.17 16.06
C ASP A 72 3.25 -30.42 17.12
N GLU A 73 2.39 -29.51 16.65
CA GLU A 73 1.62 -28.67 17.57
C GLU A 73 0.50 -29.41 18.29
N PHE A 74 0.26 -30.68 17.98
CA PHE A 74 -0.86 -31.38 18.60
C PHE A 74 -0.43 -32.36 19.68
N GLN A 75 0.86 -32.67 19.77
CA GLN A 75 1.33 -33.53 20.84
C GLN A 75 1.11 -32.88 22.20
N ILE A 76 0.52 -33.63 23.13
CA ILE A 76 0.26 -33.16 24.47
C ILE A 76 1.34 -33.70 25.39
N PHE A 77 1.94 -32.82 26.19
CA PHE A 77 2.92 -33.22 27.17
C PHE A 77 2.23 -33.29 28.51
N ARG A 78 2.15 -34.48 29.08
CA ARG A 78 1.39 -34.69 30.31
C ARG A 78 2.16 -34.10 31.48
N TRP A 79 1.44 -33.33 32.30
CA TRP A 79 2.02 -32.69 33.46
C TRP A 79 2.17 -33.72 34.59
N ASP A 80 3.28 -33.63 35.31
CA ASP A 80 3.57 -34.65 36.33
C ASP A 80 2.85 -34.40 37.65
N GLY A 81 1.96 -33.41 37.73
CA GLY A 81 1.19 -33.16 38.93
C GLY A 81 1.87 -32.32 39.99
N VAL A 82 3.09 -31.84 39.76
CA VAL A 82 3.85 -31.09 40.77
C VAL A 82 3.68 -29.58 40.51
N ASN A 83 3.21 -28.86 41.52
CA ASN A 83 3.03 -27.41 41.47
C ASN A 83 4.40 -26.73 41.41
N ARG A 84 4.97 -26.60 40.21
CA ARG A 84 6.38 -26.23 40.10
C ARG A 84 6.62 -24.82 39.59
N GLY A 85 5.60 -24.14 39.08
CA GLY A 85 5.81 -22.78 38.61
C GLY A 85 4.68 -21.86 39.01
N PHE A 86 3.97 -21.35 38.01
CA PHE A 86 2.78 -20.56 38.22
C PHE A 86 1.61 -21.25 37.53
N ALA A 87 0.46 -20.56 37.54
CA ALA A 87 -0.80 -21.21 37.20
C ALA A 87 -0.75 -21.88 35.83
N GLY A 88 -0.33 -21.13 34.80
CA GLY A 88 -0.29 -21.67 33.46
C GLY A 88 0.72 -22.79 33.25
N HIS A 89 1.62 -23.02 34.21
CA HIS A 89 2.58 -24.10 34.09
C HIS A 89 2.05 -25.41 34.65
N ASN A 90 1.03 -25.35 35.49
CA ASN A 90 0.60 -26.51 36.26
C ASN A 90 -0.62 -27.17 35.61
N GLN A 91 -0.38 -27.68 34.40
CA GLN A 91 -1.42 -28.31 33.58
C GLN A 91 -0.75 -28.90 32.34
N ASP A 92 -1.48 -29.81 31.68
CA ASP A 92 -0.97 -30.39 30.45
C ASP A 92 -0.64 -29.29 29.44
N GLN A 93 0.37 -29.55 28.61
CA GLN A 93 0.89 -28.53 27.71
C GLN A 93 0.94 -29.04 26.28
N ASP A 94 0.73 -28.12 25.33
CA ASP A 94 1.14 -28.31 23.95
C ASP A 94 2.17 -27.23 23.61
N LEU A 95 2.70 -27.26 22.39
CA LEU A 95 3.75 -26.30 22.05
C LEU A 95 3.25 -24.87 22.22
N ARG A 96 2.01 -24.60 21.81
CA ARG A 96 1.55 -23.21 21.90
C ARG A 96 1.40 -22.77 23.37
N SER A 97 0.81 -23.62 24.22
CA SER A 97 0.70 -23.24 25.62
C SER A 97 2.07 -23.08 26.27
N ALA A 98 3.02 -23.94 25.92
CA ALA A 98 4.36 -23.82 26.50
C ALA A 98 5.03 -22.52 26.06
N MET A 99 4.86 -22.14 24.79
CA MET A 99 5.41 -20.88 24.31
C MET A 99 4.72 -19.68 24.95
N ARG A 100 3.39 -19.71 25.04
CA ARG A 100 2.64 -18.57 25.57
C ARG A 100 2.84 -18.41 27.07
N ASN A 101 2.85 -19.51 27.81
CA ASN A 101 3.00 -19.44 29.25
C ASN A 101 4.45 -19.48 29.69
N SER A 102 5.38 -19.70 28.75
CA SER A 102 6.79 -19.88 29.07
C SER A 102 6.98 -21.02 30.07
N THR A 103 6.41 -22.18 29.73
CA THR A 103 6.40 -23.34 30.61
C THR A 103 7.77 -24.00 30.57
N VAL A 104 8.55 -23.83 31.64
CA VAL A 104 9.94 -24.24 31.64
C VAL A 104 10.08 -25.77 31.58
N TRP A 105 9.19 -26.51 32.25
CA TRP A 105 9.45 -27.94 32.41
C TRP A 105 9.31 -28.70 31.10
N VAL A 106 8.57 -28.15 30.13
CA VAL A 106 8.52 -28.75 28.81
C VAL A 106 9.89 -28.70 28.14
N TYR A 107 10.56 -27.54 28.22
CA TYR A 107 11.85 -27.39 27.57
C TYR A 107 12.96 -28.11 28.33
N GLU A 108 12.84 -28.21 29.65
CA GLU A 108 13.72 -29.10 30.40
C GLU A 108 13.61 -30.52 29.88
N LEU A 109 12.38 -30.98 29.62
CA LEU A 109 12.18 -32.29 29.02
C LEU A 109 12.81 -32.37 27.64
N PHE A 110 12.66 -31.31 26.83
CA PHE A 110 13.33 -31.28 25.53
C PHE A 110 14.85 -31.31 25.69
N ALA A 111 15.36 -30.65 26.73
CA ALA A 111 16.81 -30.55 26.90
C ALA A 111 17.42 -31.93 27.13
N LYS A 112 16.86 -32.70 28.05
CA LYS A 112 17.43 -33.99 28.37
C LYS A 112 17.31 -34.96 27.19
N GLU A 113 16.20 -34.91 26.45
CA GLU A 113 16.07 -35.78 25.28
C GLU A 113 17.08 -35.40 24.20
N ILE A 114 17.28 -34.10 23.97
CA ILE A 114 18.33 -33.66 23.05
C ILE A 114 19.69 -33.99 23.66
N GLY A 115 20.64 -34.40 22.81
CA GLY A 115 21.98 -34.63 23.30
C GLY A 115 22.61 -33.35 23.82
N ASP A 116 23.38 -33.48 24.90
CA ASP A 116 24.20 -32.35 25.33
C ASP A 116 25.21 -31.99 24.25
N ASP A 117 25.68 -32.99 23.50
CA ASP A 117 26.53 -32.71 22.34
C ASP A 117 25.71 -32.12 21.20
N LYS A 118 24.47 -32.60 21.02
CA LYS A 118 23.60 -32.05 19.99
C LYS A 118 23.38 -30.57 20.19
N ALA A 119 23.13 -30.15 21.43
CA ALA A 119 23.00 -28.72 21.71
C ALA A 119 24.20 -27.94 21.19
N ARG A 120 25.41 -28.44 21.46
CA ARG A 120 26.61 -27.77 20.95
C ARG A 120 26.64 -27.75 19.43
N ARG A 121 26.35 -28.88 18.80
CA ARG A 121 26.35 -28.94 17.35
C ARG A 121 25.28 -28.03 16.78
N TYR A 122 24.11 -28.01 17.43
CA TYR A 122 23.03 -27.12 17.03
C TYR A 122 23.45 -25.66 17.14
N LEU A 123 23.82 -25.22 18.35
CA LEU A 123 24.18 -23.83 18.58
C LEU A 123 25.30 -23.38 17.65
N LYS A 124 26.26 -24.27 17.38
CA LYS A 124 27.36 -23.88 16.49
C LYS A 124 26.93 -23.86 15.03
N LYS A 125 26.03 -24.76 14.63
CA LYS A 125 25.56 -24.74 13.24
C LYS A 125 24.80 -23.46 12.91
N ILE A 126 24.18 -22.83 13.90
CA ILE A 126 23.46 -21.57 13.68
C ILE A 126 24.22 -20.36 14.18
N ASP A 127 25.37 -20.53 14.82
CA ASP A 127 26.16 -19.43 15.37
C ASP A 127 25.30 -18.54 16.27
N TYR A 128 24.76 -19.15 17.32
CA TYR A 128 23.86 -18.45 18.24
C TYR A 128 24.68 -17.92 19.40
N GLY A 129 24.91 -16.60 19.42
CA GLY A 129 25.69 -16.01 20.49
C GLY A 129 27.07 -16.63 20.52
N ASN A 130 27.48 -17.08 21.71
CA ASN A 130 28.77 -17.76 21.86
C ASN A 130 28.67 -19.27 21.66
N ALA A 131 27.46 -19.80 21.51
CA ALA A 131 27.23 -21.23 21.22
C ALA A 131 27.84 -22.15 22.27
N ASP A 132 27.76 -21.75 23.54
CA ASP A 132 28.40 -22.52 24.61
C ASP A 132 27.38 -22.98 25.64
N PRO A 133 26.89 -24.22 25.55
CA PRO A 133 25.90 -24.70 26.50
C PRO A 133 26.50 -25.31 27.76
N SER A 134 27.75 -24.97 28.08
CA SER A 134 28.36 -25.42 29.32
C SER A 134 27.63 -24.83 30.50
N THR A 135 27.20 -25.69 31.43
CA THR A 135 26.48 -25.26 32.62
C THR A 135 27.06 -25.93 33.85
N SER A 136 26.93 -25.25 34.99
CA SER A 136 27.42 -25.74 36.27
C SER A 136 26.31 -26.38 37.11
N ASN A 137 25.10 -25.82 37.08
CA ASN A 137 23.98 -26.36 37.85
C ASN A 137 22.69 -26.29 37.07
N GLY A 138 22.15 -25.08 36.90
CA GLY A 138 20.87 -24.91 36.25
C GLY A 138 20.92 -25.21 34.77
N ASP A 139 19.85 -24.76 34.09
CA ASP A 139 19.74 -24.97 32.65
C ASP A 139 20.64 -23.99 31.92
N TYR A 140 21.28 -24.47 30.85
CA TYR A 140 22.37 -23.70 30.24
C TYR A 140 21.90 -22.41 29.58
N TRP A 141 20.62 -22.30 29.23
CA TRP A 141 20.12 -21.10 28.59
C TRP A 141 19.70 -20.03 29.58
N ILE A 142 19.80 -20.27 30.88
CA ILE A 142 19.45 -19.24 31.86
C ILE A 142 20.53 -19.12 32.93
N GLU A 143 21.13 -20.25 33.31
CA GLU A 143 22.16 -20.27 34.34
C GLU A 143 23.36 -21.04 33.79
N GLY A 144 24.10 -20.41 32.89
CA GLY A 144 25.20 -21.09 32.25
C GLY A 144 26.04 -20.14 31.43
N SER A 145 26.82 -20.72 30.51
CA SER A 145 27.72 -19.96 29.67
C SER A 145 27.04 -19.34 28.46
N LEU A 146 25.90 -19.90 28.02
CA LEU A 146 25.26 -19.40 26.81
C LEU A 146 24.89 -17.94 26.93
N ALA A 147 25.32 -17.14 25.96
CA ALA A 147 25.04 -15.70 25.97
C ALA A 147 24.97 -15.18 24.54
N ILE A 148 24.16 -14.15 24.34
CA ILE A 148 23.92 -13.58 23.02
C ILE A 148 23.58 -12.11 23.20
N SER A 149 24.00 -11.28 22.25
CA SER A 149 23.71 -9.87 22.32
C SER A 149 22.40 -9.54 21.60
N ALA A 150 21.93 -8.31 21.79
CA ALA A 150 20.75 -7.86 21.07
C ALA A 150 20.99 -7.86 19.57
N GLN A 151 22.17 -7.39 19.13
CA GLN A 151 22.48 -7.40 17.71
C GLN A 151 22.50 -8.83 17.18
N GLU A 152 22.97 -9.77 18.00
CA GLU A 152 23.02 -11.16 17.57
C GLU A 152 21.63 -11.78 17.55
N GLN A 153 20.73 -11.33 18.43
CA GLN A 153 19.35 -11.80 18.36
C GLN A 153 18.69 -11.37 17.05
N ILE A 154 18.90 -10.10 16.65
CA ILE A 154 18.34 -9.61 15.40
C ILE A 154 18.83 -10.46 14.23
N ALA A 155 20.13 -10.72 14.17
CA ALA A 155 20.68 -11.56 13.11
C ALA A 155 20.03 -12.94 13.10
N PHE A 156 19.79 -13.50 14.29
CA PHE A 156 19.18 -14.82 14.37
C PHE A 156 17.72 -14.80 13.92
N LEU A 157 16.99 -13.77 14.34
CA LEU A 157 15.56 -13.70 13.99
C LEU A 157 15.39 -13.52 12.49
N ARG A 158 16.26 -12.71 11.86
CA ARG A 158 16.16 -12.52 10.42
C ARG A 158 16.42 -13.81 9.66
N LYS A 159 17.34 -14.64 10.15
CA LYS A 159 17.53 -15.97 9.57
C LYS A 159 16.23 -16.77 9.62
N LEU A 160 15.62 -16.83 10.81
CA LEU A 160 14.36 -17.53 10.97
C LEU A 160 13.28 -16.93 10.07
N TYR A 161 13.21 -15.60 10.02
CA TYR A 161 12.21 -14.95 9.18
C TYR A 161 12.36 -15.32 7.71
N ARG A 162 13.60 -15.35 7.22
CA ARG A 162 13.90 -15.65 5.83
C ARG A 162 13.95 -17.15 5.54
N ASN A 163 13.63 -17.99 6.52
CA ASN A 163 13.71 -19.46 6.40
C ASN A 163 15.11 -19.96 6.09
N GLU A 164 16.14 -19.18 6.44
CA GLU A 164 17.51 -19.54 6.10
C GLU A 164 18.16 -20.47 7.11
N LEU A 165 17.53 -20.73 8.26
CA LEU A 165 18.13 -21.60 9.25
C LEU A 165 18.19 -23.05 8.75
N PRO A 166 19.21 -23.82 9.17
CA PRO A 166 19.41 -25.17 8.67
C PRO A 166 18.49 -26.22 9.30
N PHE A 167 17.20 -25.88 9.36
CA PHE A 167 16.17 -26.81 9.80
C PHE A 167 15.12 -26.90 8.71
N ARG A 168 14.29 -27.95 8.80
CA ARG A 168 13.17 -28.08 7.89
C ARG A 168 12.34 -26.81 7.87
N VAL A 169 12.03 -26.33 6.67
CA VAL A 169 11.20 -25.13 6.53
C VAL A 169 9.88 -25.28 7.28
N GLU A 170 9.36 -26.50 7.37
CA GLU A 170 8.11 -26.70 8.11
C GLU A 170 8.29 -26.37 9.58
N HIS A 171 9.47 -26.67 10.13
CA HIS A 171 9.71 -26.42 11.54
C HIS A 171 9.95 -24.93 11.79
N GLN A 172 10.61 -24.25 10.84
CA GLN A 172 10.76 -22.80 10.96
C GLN A 172 9.40 -22.12 10.90
N ARG A 173 8.53 -22.56 10.00
CA ARG A 173 7.20 -21.96 9.91
C ARG A 173 6.40 -22.20 11.18
N LEU A 174 6.48 -23.41 11.74
CA LEU A 174 5.74 -23.71 12.96
C LEU A 174 6.19 -22.82 14.12
N VAL A 175 7.50 -22.63 14.27
CA VAL A 175 8.01 -21.77 15.34
C VAL A 175 7.54 -20.33 15.14
N LYS A 176 7.59 -19.83 13.91
CA LYS A 176 7.11 -18.48 13.65
C LYS A 176 5.62 -18.34 13.92
N ASP A 177 4.85 -19.41 13.70
N ASP A 177 4.86 -19.42 13.68
CA ASP A 177 3.43 -19.35 14.06
CA ASP A 177 3.44 -19.45 14.04
C ASP A 177 3.25 -19.37 15.57
C ASP A 177 3.26 -19.40 15.54
N LEU A 178 4.07 -20.15 16.29
CA LEU A 178 3.96 -20.22 17.75
C LEU A 178 4.31 -18.89 18.40
N MET A 179 5.09 -18.05 17.73
CA MET A 179 5.52 -16.74 18.25
C MET A 179 4.45 -15.66 18.15
N ILE A 180 3.32 -15.93 17.50
CA ILE A 180 2.32 -14.89 17.27
C ILE A 180 1.75 -14.43 18.61
N VAL A 181 1.86 -13.13 18.89
CA VAL A 181 1.21 -12.59 20.09
C VAL A 181 0.06 -11.66 19.77
N GLU A 182 -0.04 -11.16 18.54
CA GLU A 182 -1.08 -10.20 18.20
C GLU A 182 -1.04 -9.98 16.70
N ALA A 183 -2.19 -9.64 16.13
CA ALA A 183 -2.22 -9.33 14.71
C ALA A 183 -3.46 -8.50 14.40
N GLY A 184 -3.32 -7.64 13.39
CA GLY A 184 -4.44 -7.00 12.73
C GLY A 184 -4.56 -7.52 11.31
N ARG A 185 -5.52 -6.93 10.57
CA ARG A 185 -5.69 -7.32 9.17
C ARG A 185 -4.43 -7.03 8.36
N ASN A 186 -3.65 -6.02 8.74
CA ASN A 186 -2.49 -5.60 7.98
C ASN A 186 -1.15 -5.84 8.67
N TRP A 187 -1.13 -6.49 9.85
CA TRP A 187 0.14 -6.61 10.57
C TRP A 187 0.11 -7.84 11.48
N ILE A 188 1.29 -8.40 11.74
CA ILE A 188 1.43 -9.59 12.58
C ILE A 188 2.65 -9.41 13.48
N LEU A 189 2.45 -9.46 14.79
CA LEU A 189 3.53 -9.34 15.75
C LEU A 189 3.92 -10.72 16.24
N ARG A 190 5.20 -11.07 16.08
CA ARG A 190 5.77 -12.32 16.56
C ARG A 190 6.89 -11.98 17.55
N ALA A 191 6.81 -12.54 18.76
CA ALA A 191 7.78 -12.11 19.76
C ALA A 191 7.87 -13.14 20.89
N LYS A 192 8.94 -13.03 21.68
CA LYS A 192 9.09 -13.83 22.87
C LYS A 192 9.83 -13.04 23.94
N THR A 193 9.31 -13.07 25.16
CA THR A 193 9.95 -12.44 26.29
C THR A 193 10.96 -13.38 26.96
N GLY A 194 11.93 -12.78 27.64
CA GLY A 194 12.84 -13.54 28.49
C GLY A 194 13.10 -12.78 29.77
N TRP A 195 13.32 -13.53 30.85
CA TRP A 195 13.69 -12.92 32.12
C TRP A 195 14.73 -13.80 32.82
N GLU A 196 15.92 -13.25 33.00
CA GLU A 196 17.03 -13.93 33.64
C GLU A 196 17.06 -13.72 35.15
N GLY A 197 16.34 -12.72 35.66
CA GLY A 197 16.33 -12.42 37.08
C GLY A 197 16.80 -11.02 37.34
N ARG A 198 17.98 -10.68 36.84
CA ARG A 198 18.51 -9.33 36.97
C ARG A 198 18.39 -8.51 35.69
N MET A 199 18.11 -9.15 34.57
CA MET A 199 17.85 -8.45 33.31
C MET A 199 16.79 -9.24 32.54
N GLY A 200 16.21 -8.60 31.52
CA GLY A 200 15.09 -9.18 30.81
C GLY A 200 15.11 -8.77 29.34
N TRP A 201 14.31 -9.49 28.54
CA TRP A 201 14.31 -9.36 27.09
C TRP A 201 12.90 -9.23 26.53
N TRP A 202 12.82 -8.61 25.34
CA TRP A 202 11.72 -8.82 24.40
C TRP A 202 12.32 -8.76 23.01
N VAL A 203 12.17 -9.83 22.23
CA VAL A 203 12.72 -9.89 20.89
C VAL A 203 11.63 -10.39 19.95
N GLY A 204 11.73 -9.99 18.70
CA GLY A 204 10.76 -10.43 17.72
C GLY A 204 10.72 -9.46 16.57
N TRP A 205 9.57 -9.42 15.89
CA TRP A 205 9.42 -8.53 14.76
C TRP A 205 7.94 -8.37 14.47
N VAL A 206 7.61 -7.33 13.72
CA VAL A 206 6.24 -7.10 13.27
C VAL A 206 6.27 -6.98 11.76
N GLU A 207 5.39 -7.73 11.10
CA GLU A 207 5.37 -7.82 9.64
C GLU A 207 4.29 -6.90 9.10
N TRP A 208 4.68 -6.02 8.19
CA TRP A 208 3.75 -5.12 7.53
C TRP A 208 3.74 -5.43 6.05
N PRO A 209 2.78 -4.93 5.28
CA PRO A 209 2.79 -5.21 3.82
C PRO A 209 4.08 -4.76 3.15
N THR A 210 4.62 -3.62 3.55
CA THR A 210 5.84 -3.10 2.91
C THR A 210 7.12 -3.64 3.53
N GLY A 211 7.04 -4.58 4.48
CA GLY A 211 8.23 -5.14 5.10
C GLY A 211 8.10 -5.42 6.58
N SER A 212 9.16 -5.93 7.21
CA SER A 212 9.13 -6.32 8.61
C SER A 212 10.09 -5.47 9.44
N VAL A 213 9.70 -5.23 10.69
CA VAL A 213 10.47 -4.43 11.64
C VAL A 213 10.89 -5.36 12.77
N PHE A 214 12.19 -5.64 12.86
CA PHE A 214 12.76 -6.51 13.87
C PHE A 214 13.20 -5.70 15.07
N PHE A 215 13.04 -6.27 16.27
CA PHE A 215 13.48 -5.59 17.48
C PHE A 215 14.11 -6.61 18.42
N ALA A 216 15.12 -6.14 19.15
CA ALA A 216 15.67 -6.91 20.25
C ALA A 216 16.02 -5.91 21.34
N LEU A 217 15.33 -6.00 22.47
CA LEU A 217 15.54 -5.12 23.63
C LEU A 217 15.93 -5.95 24.85
N ASN A 218 16.90 -5.47 25.61
CA ASN A 218 17.10 -5.98 26.95
C ASN A 218 17.26 -4.81 27.90
N ILE A 219 16.71 -4.97 29.09
CA ILE A 219 16.80 -3.97 30.15
C ILE A 219 17.24 -4.68 31.42
N ASP A 220 17.86 -3.93 32.33
CA ASP A 220 18.05 -4.43 33.68
C ASP A 220 16.72 -4.42 34.42
N THR A 221 16.55 -5.35 35.34
CA THR A 221 15.32 -5.45 36.13
C THR A 221 15.65 -5.43 37.62
N PRO A 222 16.06 -4.27 38.14
CA PRO A 222 16.35 -4.20 39.59
C PRO A 222 15.13 -4.45 40.46
N ASN A 223 13.94 -4.07 39.99
CA ASN A 223 12.71 -4.23 40.77
C ASN A 223 12.00 -5.56 40.53
N ARG A 224 12.69 -6.54 39.93
CA ARG A 224 12.16 -7.90 39.74
C ARG A 224 10.85 -7.84 38.98
N MET A 225 9.73 -8.32 39.54
CA MET A 225 8.49 -8.49 38.79
C MET A 225 7.92 -7.15 38.34
N ASP A 226 8.07 -6.11 39.17
CA ASP A 226 7.49 -4.82 38.82
C ASP A 226 8.11 -4.22 37.56
N ASP A 227 9.27 -4.71 37.14
CA ASP A 227 9.93 -4.22 35.94
C ASP A 227 9.56 -4.99 34.68
N LEU A 228 8.84 -6.10 34.78
CA LEU A 228 8.66 -6.96 33.62
C LEU A 228 7.83 -6.28 32.53
N PHE A 229 6.85 -5.48 32.92
CA PHE A 229 6.01 -4.81 31.93
C PHE A 229 6.82 -3.85 31.06
N LYS A 230 7.96 -3.37 31.58
CA LYS A 230 8.76 -2.37 30.87
C LYS A 230 9.34 -2.91 29.58
N ARG A 231 9.56 -4.23 29.50
CA ARG A 231 10.11 -4.83 28.29
C ARG A 231 9.23 -4.55 27.08
N GLU A 232 7.94 -4.88 27.19
CA GLU A 232 7.01 -4.58 26.09
C GLU A 232 6.72 -3.09 26.01
N ALA A 233 6.61 -2.41 27.15
CA ALA A 233 6.16 -1.02 27.12
C ALA A 233 7.15 -0.13 26.38
N ILE A 234 8.45 -0.33 26.59
CA ILE A 234 9.45 0.45 25.88
C ILE A 234 9.43 0.15 24.39
N VAL A 235 9.40 -1.13 24.04
CA VAL A 235 9.42 -1.51 22.62
C VAL A 235 8.19 -0.96 21.90
N ARG A 236 7.01 -1.15 22.49
CA ARG A 236 5.79 -0.69 21.84
C ARG A 236 5.81 0.81 21.59
N ALA A 237 6.28 1.60 22.58
CA ALA A 237 6.37 3.04 22.37
C ALA A 237 7.30 3.38 21.23
N ILE A 238 8.44 2.70 21.14
CA ILE A 238 9.39 2.95 20.06
C ILE A 238 8.79 2.53 18.72
N LEU A 239 8.22 1.33 18.67
CA LEU A 239 7.61 0.87 17.41
C LEU A 239 6.49 1.80 16.97
N ARG A 240 5.66 2.26 17.91
CA ARG A 240 4.62 3.22 17.56
C ARG A 240 5.23 4.52 17.03
N SER A 241 6.34 4.97 17.61
CA SER A 241 6.97 6.20 17.16
C SER A 241 7.42 6.11 15.70
N ILE A 242 7.64 4.91 15.17
CA ILE A 242 8.02 4.75 13.79
C ILE A 242 6.91 4.08 12.98
N GLU A 243 5.66 4.21 13.46
CA GLU A 243 4.48 3.67 12.78
C GLU A 243 4.64 2.18 12.48
N ALA A 244 5.31 1.46 13.37
CA ALA A 244 5.46 0.01 13.23
C ALA A 244 4.46 -0.76 14.08
N LEU A 245 3.64 -0.08 14.87
CA LEU A 245 2.49 -0.65 15.53
C LEU A 245 1.38 0.39 15.47
N PRO A 246 0.13 -0.04 15.43
CA PRO A 246 -0.98 0.91 15.35
C PRO A 246 -1.13 1.67 16.66
N PRO A 247 -1.80 2.82 16.65
CA PRO A 247 -2.09 3.57 17.89
C PRO A 247 -3.30 3.01 18.63
N GLY B 6 19.55 15.96 13.02
CA GLY B 6 18.51 15.22 12.33
C GLY B 6 18.86 14.79 10.92
N THR B 7 20.15 14.87 10.56
CA THR B 7 20.63 14.51 9.24
C THR B 7 21.71 13.45 9.37
N LEU B 8 21.60 12.38 8.57
CA LEU B 8 22.56 11.29 8.54
C LEU B 8 23.45 11.42 7.31
N GLU B 9 24.76 11.46 7.53
CA GLU B 9 25.69 11.47 6.39
C GLU B 9 25.73 10.08 5.75
N ARG B 10 25.57 10.04 4.43
CA ARG B 10 25.74 8.82 3.65
C ARG B 10 26.99 8.97 2.79
N SER B 11 28.15 8.84 3.42
CA SER B 11 29.39 8.95 2.64
C SER B 11 29.53 7.81 1.63
N ASP B 12 28.84 6.69 1.87
CA ASP B 12 28.83 5.59 0.91
C ASP B 12 28.19 5.97 -0.42
N TRP B 13 27.35 7.02 -0.44
CA TRP B 13 26.79 7.52 -1.69
C TRP B 13 27.84 8.10 -2.63
N ARG B 14 29.08 8.26 -2.17
CA ARG B 14 30.19 8.60 -3.06
C ARG B 14 30.18 7.74 -4.32
N LYS B 15 29.83 6.47 -4.16
CA LYS B 15 29.86 5.55 -5.29
C LYS B 15 28.88 5.97 -6.38
N PHE B 16 27.74 6.58 -6.02
CA PHE B 16 26.82 7.06 -7.04
C PHE B 16 27.41 8.23 -7.81
N PHE B 17 28.09 9.14 -7.12
CA PHE B 17 28.77 10.22 -7.83
C PHE B 17 29.94 9.67 -8.65
N SER B 18 30.70 8.72 -8.10
CA SER B 18 31.80 8.09 -8.85
C SER B 18 31.31 7.39 -10.11
N GLU B 19 30.17 6.69 -10.02
CA GLU B 19 29.62 6.01 -11.19
C GLU B 19 29.47 6.95 -12.36
N PHE B 20 29.20 8.23 -12.09
CA PHE B 20 28.99 9.21 -13.15
C PHE B 20 30.09 10.25 -13.21
N GLN B 21 31.25 9.96 -12.60
CA GLN B 21 32.44 10.83 -12.63
C GLN B 21 32.05 12.28 -12.34
N ALA B 22 31.47 12.49 -11.16
CA ALA B 22 30.81 13.73 -10.81
C ALA B 22 31.21 14.13 -9.40
N LYS B 23 31.31 15.44 -9.18
CA LYS B 23 31.53 15.99 -7.84
C LYS B 23 30.31 16.82 -7.48
N GLY B 24 29.73 16.55 -6.32
CA GLY B 24 28.54 17.27 -5.95
C GLY B 24 28.02 16.87 -4.59
N THR B 25 26.76 17.24 -4.34
CA THR B 25 26.07 16.97 -3.09
C THR B 25 24.65 16.56 -3.42
N ILE B 26 24.02 15.85 -2.48
CA ILE B 26 22.59 15.58 -2.58
C ILE B 26 22.02 15.52 -1.19
N VAL B 27 20.81 16.07 -1.02
CA VAL B 27 20.02 15.94 0.19
C VAL B 27 18.75 15.18 -0.18
N VAL B 28 18.40 14.16 0.59
CA VAL B 28 17.19 13.39 0.37
C VAL B 28 16.39 13.40 1.66
N ALA B 29 15.14 13.86 1.58
CA ALA B 29 14.27 13.88 2.76
C ALA B 29 13.11 12.93 2.47
N ASP B 30 13.15 11.74 3.06
CA ASP B 30 12.19 10.68 2.79
C ASP B 30 11.11 10.72 3.85
N GLU B 31 9.91 11.17 3.49
CA GLU B 31 8.80 11.24 4.41
C GLU B 31 7.87 10.03 4.34
N ARG B 32 8.26 8.95 3.67
CA ARG B 32 7.37 7.81 3.61
C ARG B 32 7.31 7.12 4.96
N GLN B 33 6.10 6.77 5.39
CA GLN B 33 5.82 6.13 6.68
C GLN B 33 6.65 6.85 7.75
N ALA B 34 7.43 6.15 8.56
CA ALA B 34 8.32 6.84 9.50
C ALA B 34 9.34 7.65 8.72
N ASP B 35 9.39 8.94 9.00
CA ASP B 35 10.38 9.78 8.35
C ASP B 35 11.78 9.33 8.74
N ARG B 36 12.63 9.14 7.72
CA ARG B 36 14.05 8.93 7.98
C ARG B 36 14.66 10.21 8.54
N ALA B 37 15.89 10.07 9.04
CA ALA B 37 16.75 11.23 9.09
C ALA B 37 16.94 11.74 7.66
N MET B 38 17.23 13.03 7.54
CA MET B 38 17.61 13.58 6.25
C MET B 38 18.93 12.96 5.83
N LEU B 39 19.00 12.41 4.62
CA LEU B 39 20.22 11.77 4.14
C LEU B 39 20.99 12.75 3.27
N VAL B 40 22.30 12.81 3.47
CA VAL B 40 23.11 13.82 2.80
C VAL B 40 24.43 13.20 2.37
N PHE B 41 24.83 13.48 1.13
CA PHE B 41 26.21 13.29 0.71
C PHE B 41 26.89 14.64 0.62
N ASP B 42 28.06 14.75 1.24
CA ASP B 42 28.81 15.98 1.42
C ASP B 42 27.98 17.01 2.18
N PRO B 43 27.92 16.90 3.51
CA PRO B 43 27.13 17.87 4.30
C PRO B 43 27.56 19.31 4.12
N VAL B 44 28.87 19.56 3.96
CA VAL B 44 29.36 20.93 3.82
C VAL B 44 28.87 21.53 2.51
N ARG B 45 29.07 20.83 1.39
CA ARG B 45 28.57 21.37 0.13
C ARG B 45 27.05 21.48 0.13
N SER B 46 26.37 20.61 0.89
CA SER B 46 24.91 20.63 0.93
C SER B 46 24.37 21.90 1.56
N LYS B 47 25.21 22.64 2.28
CA LYS B 47 24.83 23.93 2.85
C LYS B 47 25.48 25.10 2.15
N LYS B 48 26.33 24.86 1.15
CA LYS B 48 26.90 25.95 0.39
C LYS B 48 25.88 26.48 -0.61
N ARG B 49 25.80 27.80 -0.71
CA ARG B 49 24.79 28.44 -1.54
C ARG B 49 25.31 28.65 -2.97
N TYR B 50 24.49 28.26 -3.94
CA TYR B 50 24.75 28.47 -5.35
C TYR B 50 23.59 29.22 -6.00
N SER B 51 23.88 29.86 -7.11
CA SER B 51 22.83 30.41 -7.94
C SER B 51 21.79 29.34 -8.21
N PRO B 52 20.49 29.63 -8.04
CA PRO B 52 19.46 28.62 -8.37
C PRO B 52 19.34 28.31 -9.86
N ALA B 53 19.77 29.22 -10.74
CA ALA B 53 19.63 29.11 -12.20
C ALA B 53 18.19 28.69 -12.50
N SER B 54 17.96 27.73 -13.38
CA SER B 54 16.60 27.47 -13.82
C SER B 54 15.73 26.81 -12.75
N THR B 55 16.28 26.32 -11.63
CA THR B 55 15.42 25.90 -10.54
C THR B 55 14.62 27.06 -9.98
N PHE B 56 15.06 28.29 -10.25
CA PHE B 56 14.31 29.45 -9.78
C PHE B 56 12.97 29.60 -10.50
N LYS B 57 12.75 28.90 -11.61
CA LYS B 57 11.46 28.99 -12.24
C LYS B 57 10.34 28.53 -11.32
N ILE B 58 10.64 27.69 -10.32
CA ILE B 58 9.59 27.26 -9.42
C ILE B 58 9.08 28.45 -8.61
N PRO B 59 9.89 29.12 -7.78
CA PRO B 59 9.34 30.30 -7.09
C PRO B 59 8.97 31.44 -8.03
N HIS B 60 9.70 31.61 -9.14
CA HIS B 60 9.43 32.73 -10.03
C HIS B 60 8.04 32.65 -10.65
N THR B 61 7.59 31.42 -10.97
CA THR B 61 6.22 31.29 -11.48
C THR B 61 5.19 31.68 -10.43
N LEU B 62 5.40 31.26 -9.17
CA LEU B 62 4.54 31.74 -8.08
C LEU B 62 4.51 33.27 -8.03
N PHE B 63 5.69 33.91 -8.05
CA PHE B 63 5.74 35.37 -8.03
C PHE B 63 4.93 35.97 -9.16
N ALA B 64 5.12 35.43 -10.36
CA ALA B 64 4.47 35.99 -11.55
C ALA B 64 2.96 35.82 -11.47
N LEU B 65 2.51 34.67 -10.98
CA LEU B 65 1.08 34.46 -10.79
C LEU B 65 0.53 35.42 -9.75
N ASP B 66 1.24 35.57 -8.63
CA ASP B 66 0.74 36.45 -7.57
C ASP B 66 0.64 37.88 -8.06
N ALA B 67 1.63 38.33 -8.83
CA ALA B 67 1.66 39.70 -9.33
C ALA B 67 0.76 39.93 -10.53
N GLY B 68 0.20 38.87 -11.12
CA GLY B 68 -0.59 39.03 -12.32
C GLY B 68 0.20 39.20 -13.59
N ALA B 69 1.49 38.89 -13.58
CA ALA B 69 2.26 38.92 -14.81
C ALA B 69 1.90 37.75 -15.72
N VAL B 70 1.27 36.72 -15.18
CA VAL B 70 0.67 35.65 -15.95
C VAL B 70 -0.64 35.29 -15.27
N ARG B 71 -1.69 35.09 -16.07
CA ARG B 71 -3.00 34.83 -15.49
C ARG B 71 -3.17 33.35 -15.14
N ASP B 72 -2.79 32.48 -16.06
CA ASP B 72 -3.06 31.05 -15.88
C ASP B 72 -2.27 30.27 -16.92
N GLU B 73 -2.52 28.96 -16.99
CA GLU B 73 -1.79 28.05 -17.84
C GLU B 73 -2.21 28.14 -19.31
N PHE B 74 -3.21 28.95 -19.63
CA PHE B 74 -3.67 29.12 -21.00
C PHE B 74 -3.15 30.38 -21.67
N GLN B 75 -2.55 31.29 -20.89
CA GLN B 75 -2.01 32.51 -21.47
C GLN B 75 -0.82 32.18 -22.37
N ILE B 76 -0.82 32.75 -23.58
CA ILE B 76 0.24 32.55 -24.55
C ILE B 76 1.13 33.80 -24.59
N PHE B 77 2.43 33.58 -24.55
CA PHE B 77 3.41 34.65 -24.69
C PHE B 77 3.99 34.55 -26.09
N ARG B 78 3.78 35.59 -26.89
CA ARG B 78 4.14 35.53 -28.29
C ARG B 78 5.64 35.72 -28.46
N TRP B 79 6.26 34.79 -29.18
CA TRP B 79 7.68 34.90 -29.47
C TRP B 79 7.94 36.07 -30.41
N ASP B 80 8.96 36.86 -30.11
CA ASP B 80 9.26 38.08 -30.86
C ASP B 80 10.04 37.83 -32.15
N GLY B 81 10.17 36.58 -32.59
CA GLY B 81 10.88 36.28 -33.81
C GLY B 81 12.38 36.32 -33.72
N VAL B 82 12.95 36.67 -32.57
CA VAL B 82 14.40 36.75 -32.42
C VAL B 82 14.93 35.41 -31.93
N ASN B 83 15.80 34.80 -32.72
CA ASN B 83 16.48 33.57 -32.35
C ASN B 83 17.33 33.79 -31.10
N ARG B 84 16.71 33.70 -29.93
CA ARG B 84 17.37 33.98 -28.67
C ARG B 84 18.14 32.78 -28.12
N GLY B 85 18.30 31.73 -28.92
CA GLY B 85 19.10 30.61 -28.48
C GLY B 85 18.60 29.25 -28.94
N PHE B 86 18.17 28.43 -27.99
CA PHE B 86 17.88 27.04 -28.26
C PHE B 86 16.50 26.88 -28.90
N ALA B 87 16.34 25.78 -29.64
CA ALA B 87 15.20 25.66 -30.55
C ALA B 87 13.88 25.77 -29.82
N GLY B 88 13.75 25.12 -28.66
CA GLY B 88 12.48 25.13 -27.95
C GLY B 88 12.12 26.47 -27.34
N HIS B 89 13.01 27.45 -27.43
CA HIS B 89 12.70 28.82 -26.99
C HIS B 89 12.18 29.71 -28.10
N ASN B 90 12.38 29.32 -29.36
CA ASN B 90 12.06 30.18 -30.51
C ASN B 90 10.66 29.85 -31.06
N GLN B 91 9.66 30.09 -30.21
CA GLN B 91 8.27 29.74 -30.47
C GLN B 91 7.44 30.34 -29.35
N ASP B 92 6.16 30.59 -29.63
CA ASP B 92 5.27 31.07 -28.57
C ASP B 92 5.29 30.08 -27.41
N GLN B 93 4.99 30.59 -26.21
CA GLN B 93 5.11 29.81 -24.99
C GLN B 93 3.83 29.94 -24.17
N ASP B 94 3.55 28.90 -23.40
CA ASP B 94 2.69 29.02 -22.22
C ASP B 94 3.51 28.59 -21.01
N LEU B 95 2.87 28.57 -19.84
CA LEU B 95 3.63 28.28 -18.62
C LEU B 95 4.22 26.88 -18.68
N ARG B 96 3.48 25.92 -19.22
CA ARG B 96 3.97 24.54 -19.28
C ARG B 96 5.17 24.42 -20.22
N SER B 97 5.07 25.03 -21.41
CA SER B 97 6.23 24.97 -22.32
C SER B 97 7.42 25.73 -21.76
N ALA B 98 7.18 26.89 -21.12
CA ALA B 98 8.29 27.63 -20.54
C ALA B 98 8.98 26.84 -19.44
N MET B 99 8.21 26.13 -18.61
N MET B 99 8.21 26.12 -18.61
CA MET B 99 8.81 25.27 -17.59
CA MET B 99 8.81 25.27 -17.59
C MET B 99 9.58 24.11 -18.22
C MET B 99 9.58 24.10 -18.21
N ARG B 100 8.96 23.41 -19.17
CA ARG B 100 9.57 22.21 -19.74
C ARG B 100 10.80 22.53 -20.58
N ASN B 101 10.76 23.62 -21.33
CA ASN B 101 11.88 24.00 -22.19
C ASN B 101 12.87 24.91 -21.49
N SER B 102 12.55 25.32 -20.25
CA SER B 102 13.32 26.29 -19.49
C SER B 102 13.53 27.59 -20.29
N THR B 103 12.43 28.16 -20.75
CA THR B 103 12.45 29.30 -21.67
C THR B 103 12.68 30.59 -20.87
N VAL B 104 13.94 31.04 -20.84
CA VAL B 104 14.32 32.17 -19.98
C VAL B 104 13.57 33.43 -20.37
N TRP B 105 13.32 33.66 -21.67
CA TRP B 105 12.81 34.97 -22.04
C TRP B 105 11.41 35.22 -21.48
N VAL B 106 10.63 34.18 -21.23
CA VAL B 106 9.33 34.37 -20.57
C VAL B 106 9.52 34.91 -19.16
N TYR B 107 10.48 34.37 -18.42
CA TYR B 107 10.73 34.80 -17.05
C TYR B 107 11.42 36.17 -16.98
N GLU B 108 12.16 36.55 -18.01
CA GLU B 108 12.64 37.92 -18.10
C GLU B 108 11.48 38.92 -18.17
N LEU B 109 10.45 38.58 -18.95
N LEU B 109 10.45 38.58 -18.96
CA LEU B 109 9.24 39.40 -18.97
CA LEU B 109 9.24 39.42 -18.98
C LEU B 109 8.62 39.51 -17.59
C LEU B 109 8.63 39.51 -17.58
N PHE B 110 8.51 38.38 -16.88
CA PHE B 110 7.95 38.39 -15.53
C PHE B 110 8.76 39.28 -14.60
N ALA B 111 10.08 39.14 -14.63
CA ALA B 111 10.92 39.92 -13.72
C ALA B 111 10.79 41.41 -13.98
N LYS B 112 10.68 41.80 -15.25
CA LYS B 112 10.53 43.21 -15.56
C LYS B 112 9.21 43.73 -15.02
N GLU B 113 8.14 42.94 -15.13
CA GLU B 113 6.84 43.39 -14.63
C GLU B 113 6.81 43.40 -13.12
N ILE B 114 7.46 42.41 -12.49
CA ILE B 114 7.45 42.34 -11.03
C ILE B 114 8.27 43.48 -10.44
N GLY B 115 9.48 43.69 -10.95
CA GLY B 115 10.33 44.74 -10.44
C GLY B 115 11.22 44.29 -9.30
N ASP B 116 12.33 45.02 -9.13
CA ASP B 116 13.37 44.62 -8.18
C ASP B 116 12.86 44.63 -6.73
N ASP B 117 12.15 45.69 -6.35
CA ASP B 117 11.75 45.82 -4.94
C ASP B 117 10.76 44.74 -4.55
N LYS B 118 9.80 44.45 -5.42
CA LYS B 118 8.81 43.42 -5.09
C LYS B 118 9.43 42.02 -5.13
N ALA B 119 10.37 41.78 -6.06
CA ALA B 119 11.12 40.54 -6.01
C ALA B 119 11.83 40.36 -4.68
N ARG B 120 12.41 41.43 -4.14
CA ARG B 120 13.03 41.35 -2.83
C ARG B 120 12.01 40.99 -1.74
N ARG B 121 10.85 41.63 -1.76
CA ARG B 121 9.81 41.31 -0.77
C ARG B 121 9.38 39.86 -0.89
N TYR B 122 9.13 39.42 -2.13
CA TYR B 122 8.75 38.04 -2.40
C TYR B 122 9.81 37.07 -1.89
N LEU B 123 11.08 37.29 -2.25
CA LEU B 123 12.14 36.36 -1.82
C LEU B 123 12.28 36.31 -0.31
N LYS B 124 12.13 37.47 0.35
CA LYS B 124 12.27 37.52 1.79
C LYS B 124 11.15 36.75 2.48
N LYS B 125 9.92 36.89 2.01
CA LYS B 125 8.84 36.27 2.77
C LYS B 125 8.73 34.77 2.51
N ILE B 126 9.36 34.24 1.47
CA ILE B 126 9.50 32.78 1.36
C ILE B 126 10.86 32.30 1.84
N ASP B 127 11.70 33.19 2.34
CA ASP B 127 12.98 32.80 2.96
C ASP B 127 13.82 31.98 1.98
N TYR B 128 13.89 32.44 0.74
CA TYR B 128 14.54 31.68 -0.34
C TYR B 128 16.03 31.99 -0.33
N GLY B 129 16.81 31.11 0.28
CA GLY B 129 18.26 31.28 0.24
C GLY B 129 18.68 32.58 0.89
N ASN B 130 19.63 33.27 0.25
CA ASN B 130 20.03 34.57 0.77
C ASN B 130 19.05 35.69 0.41
N ALA B 131 18.09 35.41 -0.48
CA ALA B 131 16.97 36.32 -0.77
C ALA B 131 17.46 37.67 -1.31
N ASP B 132 18.50 37.64 -2.13
CA ASP B 132 19.17 38.85 -2.62
C ASP B 132 19.09 38.96 -4.13
N PRO B 133 18.11 39.68 -4.68
CA PRO B 133 18.01 39.79 -6.13
C PRO B 133 18.92 40.86 -6.73
N SER B 134 20.01 41.21 -6.05
CA SER B 134 20.93 42.22 -6.58
C SER B 134 21.64 41.69 -7.82
N THR B 135 21.78 42.55 -8.83
CA THR B 135 22.36 42.11 -10.09
C THR B 135 23.09 43.27 -10.75
N SER B 136 23.28 43.17 -12.07
CA SER B 136 24.02 44.16 -12.84
C SER B 136 23.53 44.19 -14.29
N ASP B 139 20.09 38.91 -15.20
CA ASP B 139 19.05 38.10 -14.57
C ASP B 139 19.56 37.68 -13.20
N TYR B 140 18.87 38.10 -12.14
CA TYR B 140 19.44 37.96 -10.80
C TYR B 140 19.54 36.51 -10.33
N TRP B 141 18.74 35.62 -10.91
CA TRP B 141 18.69 34.22 -10.50
C TRP B 141 19.74 33.35 -11.19
N ILE B 142 20.51 33.90 -12.12
CA ILE B 142 21.57 33.15 -12.79
C ILE B 142 22.92 33.84 -12.64
N GLU B 143 23.03 35.10 -13.02
CA GLU B 143 24.25 35.88 -12.87
C GLU B 143 23.92 37.03 -11.92
N GLY B 144 23.87 36.70 -10.63
CA GLY B 144 23.50 37.67 -9.63
C GLY B 144 23.93 37.18 -8.26
N SER B 145 23.54 37.93 -7.24
CA SER B 145 23.87 37.56 -5.88
C SER B 145 22.94 36.49 -5.31
N LEU B 146 21.76 36.28 -5.90
CA LEU B 146 20.84 35.28 -5.37
C LEU B 146 21.50 33.91 -5.38
N ALA B 147 21.47 33.25 -4.22
CA ALA B 147 22.08 31.94 -4.07
C ALA B 147 21.31 31.16 -3.02
N ILE B 148 21.28 29.83 -3.17
CA ILE B 148 20.55 28.96 -2.25
C ILE B 148 21.29 27.63 -2.17
N SER B 149 21.22 27.00 -1.01
CA SER B 149 21.88 25.71 -0.81
C SER B 149 20.92 24.56 -1.12
N ALA B 150 21.48 23.35 -1.22
CA ALA B 150 20.65 22.17 -1.43
C ALA B 150 19.72 21.93 -0.24
N GLN B 151 20.21 22.15 0.99
CA GLN B 151 19.34 22.00 2.14
C GLN B 151 18.22 23.05 2.13
N GLU B 152 18.53 24.29 1.75
CA GLU B 152 17.48 25.30 1.64
C GLU B 152 16.48 25.00 0.52
N GLN B 153 16.94 24.38 -0.57
CA GLN B 153 15.99 23.96 -1.60
C GLN B 153 14.99 22.96 -1.04
N ILE B 154 15.47 21.98 -0.27
CA ILE B 154 14.56 21.01 0.35
C ILE B 154 13.53 21.74 1.19
N ALA B 155 13.98 22.69 2.01
CA ALA B 155 13.06 23.39 2.89
C ALA B 155 12.01 24.14 2.09
N PHE B 156 12.41 24.78 0.99
CA PHE B 156 11.45 25.50 0.17
C PHE B 156 10.47 24.53 -0.51
N LEU B 157 10.98 23.42 -1.04
CA LEU B 157 10.09 22.48 -1.72
C LEU B 157 9.06 21.88 -0.76
N ARG B 158 9.47 21.63 0.49
CA ARG B 158 8.53 21.05 1.46
C ARG B 158 7.40 22.03 1.78
N LYS B 159 7.70 23.33 1.83
CA LYS B 159 6.64 24.31 2.07
C LYS B 159 5.66 24.35 0.90
N LEU B 160 6.19 24.32 -0.32
CA LEU B 160 5.32 24.26 -1.49
C LEU B 160 4.46 23.00 -1.47
N TYR B 161 5.07 21.84 -1.24
CA TYR B 161 4.32 20.59 -1.15
C TYR B 161 3.16 20.71 -0.15
N ARG B 162 3.40 21.35 0.98
CA ARG B 162 2.39 21.47 2.03
C ARG B 162 1.43 22.64 1.81
N ASN B 163 1.54 23.39 0.71
CA ASN B 163 0.70 24.57 0.48
C ASN B 163 0.90 25.64 1.57
N GLU B 164 2.10 25.72 2.15
CA GLU B 164 2.38 26.61 3.27
C GLU B 164 3.05 27.92 2.86
N LEU B 165 3.38 28.10 1.59
CA LEU B 165 3.99 29.36 1.19
C LEU B 165 2.95 30.49 1.25
N PRO B 166 3.40 31.76 1.49
CA PRO B 166 2.47 32.90 1.58
C PRO B 166 2.01 33.41 0.22
N PHE B 167 1.42 32.49 -0.55
CA PHE B 167 0.81 32.76 -1.84
C PHE B 167 -0.50 31.99 -1.89
N ARG B 168 -1.35 32.34 -2.84
CA ARG B 168 -2.64 31.66 -2.95
C ARG B 168 -2.41 30.17 -3.20
N VAL B 169 -3.25 29.33 -2.58
CA VAL B 169 -3.11 27.89 -2.75
C VAL B 169 -3.30 27.51 -4.21
N GLU B 170 -4.21 28.19 -4.92
CA GLU B 170 -4.41 27.84 -6.34
C GLU B 170 -3.11 27.99 -7.13
N HIS B 171 -2.31 29.01 -6.81
CA HIS B 171 -1.05 29.22 -7.53
C HIS B 171 -0.01 28.19 -7.14
N GLN B 172 0.02 27.81 -5.85
CA GLN B 172 0.92 26.73 -5.45
C GLN B 172 0.58 25.41 -6.14
N ARG B 173 -0.72 25.11 -6.26
CA ARG B 173 -1.10 23.88 -6.95
C ARG B 173 -0.75 23.95 -8.44
N LEU B 174 -0.95 25.12 -9.07
CA LEU B 174 -0.57 25.24 -10.49
C LEU B 174 0.92 24.98 -10.69
N VAL B 175 1.77 25.62 -9.87
CA VAL B 175 3.21 25.40 -10.00
C VAL B 175 3.57 23.93 -9.80
N LYS B 176 2.94 23.27 -8.83
CA LYS B 176 3.24 21.85 -8.61
C LYS B 176 2.81 20.99 -9.79
N ASP B 177 1.72 21.35 -10.46
N ASP B 177 1.69 21.35 -10.44
CA ASP B 177 1.31 20.62 -11.66
CA ASP B 177 1.27 20.69 -11.68
C ASP B 177 2.26 20.91 -12.82
C ASP B 177 2.29 20.92 -12.79
N LEU B 178 2.77 22.15 -12.91
CA LEU B 178 3.74 22.48 -13.96
C LEU B 178 5.04 21.73 -13.78
N MET B 179 5.38 21.32 -12.55
CA MET B 179 6.62 20.59 -12.27
C MET B 179 6.58 19.11 -12.63
N ILE B 180 5.43 18.57 -13.02
CA ILE B 180 5.33 17.12 -13.25
C ILE B 180 6.22 16.73 -14.42
N VAL B 181 7.11 15.77 -14.20
N VAL B 181 7.14 15.80 -14.15
CA VAL B 181 7.92 15.28 -15.30
CA VAL B 181 8.05 15.26 -15.14
C VAL B 181 7.67 13.82 -15.63
C VAL B 181 7.62 13.87 -15.61
N GLU B 182 7.03 13.05 -14.74
CA GLU B 182 6.75 11.65 -14.99
C GLU B 182 5.80 11.18 -13.90
N ALA B 183 4.96 10.20 -14.21
CA ALA B 183 4.10 9.63 -13.19
C ALA B 183 3.68 8.24 -13.62
N GLY B 184 3.48 7.38 -12.62
CA GLY B 184 2.75 6.15 -12.78
C GLY B 184 1.46 6.20 -11.99
N ARG B 185 0.79 5.06 -11.93
CA ARG B 185 -0.50 5.02 -11.24
C ARG B 185 -0.35 5.29 -9.75
N ASN B 186 0.81 4.97 -9.19
CA ASN B 186 1.05 5.07 -7.75
C ASN B 186 2.10 6.09 -7.36
N TRP B 187 2.66 6.85 -8.31
CA TRP B 187 3.75 7.76 -7.97
C TRP B 187 3.77 8.92 -8.94
N ILE B 188 4.19 10.10 -8.45
CA ILE B 188 4.31 11.30 -9.27
C ILE B 188 5.64 11.97 -8.97
N LEU B 189 6.42 12.22 -10.03
CA LEU B 189 7.71 12.90 -9.92
C LEU B 189 7.54 14.35 -10.37
N ARG B 190 7.87 15.27 -9.47
CA ARG B 190 7.82 16.71 -9.74
C ARG B 190 9.23 17.26 -9.56
N ALA B 191 9.77 17.93 -10.57
CA ALA B 191 11.17 18.34 -10.49
C ALA B 191 11.50 19.44 -11.50
N LYS B 192 12.67 20.05 -11.32
CA LYS B 192 13.15 21.09 -12.22
C LYS B 192 14.67 21.08 -12.23
N THR B 193 15.28 21.12 -13.42
CA THR B 193 16.72 21.20 -13.59
C THR B 193 17.19 22.66 -13.59
N GLY B 194 18.47 22.86 -13.29
CA GLY B 194 19.09 24.16 -13.45
C GLY B 194 20.52 24.00 -13.89
N TRP B 195 21.03 25.00 -14.62
CA TRP B 195 22.42 24.96 -15.07
C TRP B 195 22.97 26.39 -15.08
N GLU B 196 23.94 26.63 -14.20
CA GLU B 196 24.59 27.92 -14.11
C GLU B 196 25.73 28.07 -15.10
N GLY B 197 26.20 26.96 -15.68
CA GLY B 197 27.37 26.97 -16.52
C GLY B 197 28.53 26.23 -15.84
N ARG B 198 28.86 26.62 -14.62
CA ARG B 198 29.91 25.96 -13.85
C ARG B 198 29.38 24.82 -13.00
N MET B 199 28.10 24.86 -12.63
CA MET B 199 27.49 23.82 -11.82
C MET B 199 26.04 23.69 -12.26
N GLY B 200 25.38 22.64 -11.77
CA GLY B 200 24.02 22.38 -12.20
C GLY B 200 23.23 21.68 -11.12
N TRP B 201 21.89 21.69 -11.28
CA TRP B 201 20.96 21.27 -10.25
C TRP B 201 19.94 20.26 -10.78
N TRP B 202 19.44 19.42 -9.87
CA TRP B 202 18.12 18.82 -10.02
C TRP B 202 17.44 18.79 -8.66
N VAL B 203 16.26 19.40 -8.56
CA VAL B 203 15.53 19.47 -7.30
C VAL B 203 14.08 19.07 -7.55
N GLY B 204 13.44 18.53 -6.53
CA GLY B 204 12.06 18.12 -6.69
C GLY B 204 11.68 17.10 -5.62
N TRP B 205 10.66 16.30 -5.94
CA TRP B 205 10.27 15.22 -5.04
C TRP B 205 9.46 14.20 -5.83
N VAL B 206 9.38 12.99 -5.26
N VAL B 206 9.34 13.00 -5.26
CA VAL B 206 8.52 11.93 -5.76
CA VAL B 206 8.49 11.97 -5.82
C VAL B 206 7.47 11.65 -4.70
C VAL B 206 7.47 11.58 -4.76
N GLU B 207 6.19 11.67 -5.10
CA GLU B 207 5.09 11.38 -4.19
C GLU B 207 4.68 9.93 -4.30
N TRP B 208 4.59 9.25 -3.15
CA TRP B 208 4.10 7.87 -3.11
C TRP B 208 2.88 7.81 -2.21
N PRO B 209 2.13 6.71 -2.20
CA PRO B 209 0.96 6.64 -1.32
C PRO B 209 1.31 6.90 0.14
N THR B 210 2.48 6.49 0.60
CA THR B 210 2.82 6.64 2.01
C THR B 210 3.57 7.94 2.31
N GLY B 211 3.78 8.79 1.31
CA GLY B 211 4.42 10.07 1.54
C GLY B 211 5.39 10.40 0.45
N SER B 212 6.07 11.53 0.56
CA SER B 212 6.91 11.99 -0.53
C SER B 212 8.38 11.97 -0.14
N VAL B 213 9.22 11.92 -1.17
CA VAL B 213 10.66 11.83 -1.02
C VAL B 213 11.23 13.03 -1.73
N PHE B 214 11.74 14.00 -0.96
CA PHE B 214 12.32 15.22 -1.52
C PHE B 214 13.80 15.05 -1.82
N PHE B 215 14.26 15.67 -2.90
CA PHE B 215 15.68 15.61 -3.23
C PHE B 215 16.16 16.96 -3.74
N ALA B 216 17.45 17.22 -3.50
CA ALA B 216 18.09 18.40 -4.07
C ALA B 216 19.55 18.05 -4.29
N LEU B 217 19.96 18.03 -5.56
CA LEU B 217 21.32 17.70 -5.96
C LEU B 217 21.92 18.87 -6.70
N ASN B 218 23.19 19.15 -6.43
CA ASN B 218 23.94 19.95 -7.38
C ASN B 218 25.31 19.31 -7.57
N ILE B 219 25.85 19.48 -8.78
CA ILE B 219 27.14 18.95 -9.17
C ILE B 219 27.88 20.02 -9.96
N ASP B 220 29.20 19.89 -10.04
CA ASP B 220 29.96 20.73 -10.96
C ASP B 220 29.80 20.18 -12.37
N THR B 221 29.90 21.08 -13.34
CA THR B 221 29.82 20.71 -14.76
C THR B 221 31.08 21.20 -15.49
N PRO B 222 32.23 20.60 -15.19
CA PRO B 222 33.44 20.99 -15.94
C PRO B 222 33.36 20.69 -17.42
N ASN B 223 32.58 19.69 -17.81
CA ASN B 223 32.41 19.34 -19.21
C ASN B 223 31.23 20.05 -19.86
N ARG B 224 30.67 21.05 -19.18
CA ARG B 224 29.62 21.92 -19.73
C ARG B 224 28.46 21.04 -20.18
N MET B 225 28.05 21.10 -21.46
CA MET B 225 26.87 20.41 -21.93
C MET B 225 26.92 18.91 -21.70
N ASP B 226 28.11 18.32 -21.76
CA ASP B 226 28.25 16.87 -21.68
C ASP B 226 27.99 16.32 -20.29
N ASP B 227 27.98 17.18 -19.27
CA ASP B 227 27.70 16.78 -17.90
C ASP B 227 26.23 16.87 -17.52
N LEU B 228 25.38 17.47 -18.35
CA LEU B 228 24.03 17.81 -17.89
C LEU B 228 23.20 16.57 -17.61
N PHE B 229 23.44 15.47 -18.32
CA PHE B 229 22.66 14.26 -18.07
C PHE B 229 22.90 13.72 -16.66
N LYS B 230 24.06 14.02 -16.07
CA LYS B 230 24.41 13.46 -14.76
C LYS B 230 23.51 13.97 -13.65
N ARG B 231 22.90 15.15 -13.81
CA ARG B 231 22.05 15.71 -12.78
C ARG B 231 20.89 14.77 -12.45
N GLU B 232 20.14 14.35 -13.48
CA GLU B 232 19.06 13.39 -13.24
C GLU B 232 19.60 11.98 -13.00
N ALA B 233 20.68 11.59 -13.68
CA ALA B 233 21.13 10.20 -13.59
C ALA B 233 21.54 9.83 -12.17
N ILE B 234 22.27 10.73 -11.50
CA ILE B 234 22.71 10.45 -10.15
C ILE B 234 21.52 10.36 -9.20
N VAL B 235 20.62 11.34 -9.26
CA VAL B 235 19.44 11.32 -8.40
C VAL B 235 18.63 10.05 -8.64
N ARG B 236 18.35 9.73 -9.91
CA ARG B 236 17.54 8.55 -10.19
C ARG B 236 18.17 7.28 -9.62
N ALA B 237 19.49 7.16 -9.73
CA ALA B 237 20.15 5.97 -9.16
C ALA B 237 19.98 5.92 -7.64
N ILE B 238 20.17 7.04 -6.96
CA ILE B 238 20.01 7.07 -5.52
C ILE B 238 18.56 6.77 -5.13
N LEU B 239 17.61 7.40 -5.82
CA LEU B 239 16.20 7.17 -5.50
C LEU B 239 15.81 5.72 -5.74
N ARG B 240 16.29 5.12 -6.82
CA ARG B 240 16.02 3.71 -7.04
C ARG B 240 16.58 2.88 -5.89
N SER B 241 17.74 3.28 -5.34
CA SER B 241 18.34 2.50 -4.25
C SER B 241 17.50 2.53 -2.98
N ILE B 242 16.66 3.54 -2.78
CA ILE B 242 15.75 3.54 -1.63
C ILE B 242 14.31 3.26 -2.08
N GLU B 243 14.14 2.68 -3.26
CA GLU B 243 12.84 2.28 -3.80
C GLU B 243 11.86 3.45 -3.88
N ALA B 244 12.36 4.64 -4.17
CA ALA B 244 11.53 5.83 -4.35
C ALA B 244 11.28 6.14 -5.83
N LEU B 245 11.79 5.31 -6.73
CA LEU B 245 11.37 5.27 -8.13
C LEU B 245 11.22 3.80 -8.51
N PRO B 246 10.31 3.49 -9.44
CA PRO B 246 10.14 2.09 -9.84
C PRO B 246 11.35 1.59 -10.61
N PRO B 247 11.49 0.28 -10.77
CA PRO B 247 12.61 -0.25 -11.56
C PRO B 247 12.52 0.20 -13.02
N ASN B 248 13.64 0.05 -13.73
CA ASN B 248 13.76 0.53 -15.10
C ASN B 248 13.98 -0.61 -16.09
N GLY C 6 -21.74 19.21 -34.78
CA GLY C 6 -20.34 19.25 -35.16
C GLY C 6 -19.58 18.00 -34.77
N THR C 7 -20.17 16.84 -35.05
CA THR C 7 -19.64 15.55 -34.64
C THR C 7 -19.36 14.70 -35.87
N LEU C 8 -18.21 14.04 -35.88
CA LEU C 8 -17.85 13.09 -36.93
C LEU C 8 -17.94 11.68 -36.36
N GLU C 9 -18.84 10.87 -36.92
CA GLU C 9 -18.95 9.49 -36.52
C GLU C 9 -17.79 8.68 -37.09
N ARG C 10 -17.14 7.89 -36.25
CA ARG C 10 -16.05 7.02 -36.66
C ARG C 10 -16.56 5.59 -36.62
N SER C 11 -17.36 5.22 -37.62
CA SER C 11 -17.88 3.87 -37.63
C SER C 11 -16.77 2.83 -37.77
N ASP C 12 -15.63 3.22 -38.33
CA ASP C 12 -14.50 2.32 -38.42
C ASP C 12 -13.91 1.96 -37.07
N TRP C 13 -14.22 2.73 -36.01
CA TRP C 13 -13.73 2.37 -34.69
C TRP C 13 -14.39 1.11 -34.13
N ARG C 14 -15.36 0.56 -34.84
N ARG C 14 -15.36 0.53 -34.82
CA ARG C 14 -15.99 -0.69 -34.43
CA ARG C 14 -15.97 -0.70 -34.31
C ARG C 14 -14.94 -1.77 -34.17
C ARG C 14 -14.93 -1.80 -34.15
N LYS C 15 -13.88 -1.78 -34.97
CA LYS C 15 -12.82 -2.78 -34.84
C LYS C 15 -12.15 -2.74 -33.47
N PHE C 16 -12.12 -1.57 -32.81
CA PHE C 16 -11.50 -1.53 -31.49
C PHE C 16 -12.39 -2.19 -30.45
N PHE C 17 -13.71 -2.03 -30.58
CA PHE C 17 -14.59 -2.73 -29.64
C PHE C 17 -14.62 -4.24 -29.93
N SER C 18 -14.61 -4.61 -31.21
N SER C 18 -14.62 -4.62 -31.21
CA SER C 18 -14.61 -6.03 -31.57
CA SER C 18 -14.61 -6.04 -31.55
C SER C 18 -13.31 -6.69 -31.13
C SER C 18 -13.30 -6.70 -31.15
N GLU C 19 -12.19 -5.98 -31.24
CA GLU C 19 -10.91 -6.51 -30.79
C GLU C 19 -10.95 -6.97 -29.33
N PHE C 20 -11.73 -6.28 -28.49
CA PHE C 20 -11.89 -6.68 -27.10
C PHE C 20 -13.27 -7.28 -26.83
N GLN C 21 -13.95 -7.75 -27.89
CA GLN C 21 -15.24 -8.42 -27.79
C GLN C 21 -16.20 -7.63 -26.90
N ALA C 22 -16.30 -6.32 -27.17
CA ALA C 22 -17.00 -5.39 -26.30
C ALA C 22 -18.08 -4.65 -27.06
N LYS C 23 -19.10 -4.22 -26.31
CA LYS C 23 -20.16 -3.37 -26.85
C LYS C 23 -20.16 -2.08 -26.04
N GLY C 24 -20.06 -0.94 -26.72
CA GLY C 24 -20.01 0.32 -26.02
C GLY C 24 -19.97 1.51 -26.95
N THR C 25 -19.57 2.64 -26.38
CA THR C 25 -19.48 3.92 -27.07
C THR C 25 -18.22 4.62 -26.61
N ILE C 26 -17.71 5.51 -27.46
CA ILE C 26 -16.63 6.39 -27.03
C ILE C 26 -16.78 7.73 -27.74
N VAL C 27 -16.52 8.81 -27.00
CA VAL C 27 -16.43 10.15 -27.55
C VAL C 27 -15.00 10.64 -27.31
N VAL C 28 -14.38 11.20 -28.33
CA VAL C 28 -13.04 11.75 -28.25
C VAL C 28 -13.10 13.18 -28.77
N ALA C 29 -12.70 14.13 -27.93
CA ALA C 29 -12.60 15.54 -28.34
C ALA C 29 -11.11 15.86 -28.41
N ASP C 30 -10.55 15.90 -29.61
CA ASP C 30 -9.11 16.14 -29.78
C ASP C 30 -8.91 17.63 -30.00
N GLU C 31 -8.45 18.32 -28.95
N GLU C 31 -8.45 18.32 -28.95
CA GLU C 31 -8.28 19.77 -28.99
CA GLU C 31 -8.28 19.76 -29.01
C GLU C 31 -6.88 20.19 -29.39
C GLU C 31 -6.84 20.16 -29.28
N ARG C 32 -6.03 19.26 -29.85
CA ARG C 32 -4.66 19.63 -30.19
C ARG C 32 -4.57 20.50 -31.43
N GLN C 33 -5.55 20.44 -32.30
CA GLN C 33 -5.66 21.37 -33.41
C GLN C 33 -7.04 22.01 -33.34
N ALA C 34 -7.07 23.33 -33.58
CA ALA C 34 -8.35 24.04 -33.60
C ALA C 34 -9.26 23.45 -34.67
N ASP C 35 -10.55 23.41 -34.37
CA ASP C 35 -11.59 23.01 -35.31
C ASP C 35 -11.52 21.54 -35.69
N ARG C 36 -10.81 20.72 -34.90
CA ARG C 36 -10.90 19.28 -35.08
C ARG C 36 -12.23 18.79 -34.52
N ALA C 37 -13.02 18.12 -35.37
CA ALA C 37 -14.34 17.68 -34.96
C ALA C 37 -14.25 16.59 -33.90
N MET C 38 -15.17 16.64 -32.94
CA MET C 38 -15.35 15.55 -31.99
C MET C 38 -15.64 14.25 -32.73
N LEU C 39 -15.09 13.15 -32.24
CA LEU C 39 -15.19 11.85 -32.89
C LEU C 39 -16.01 10.94 -32.01
N VAL C 40 -16.93 10.18 -32.61
CA VAL C 40 -17.87 9.37 -31.84
C VAL C 40 -18.02 8.01 -32.49
N PHE C 41 -17.94 6.95 -31.68
CA PHE C 41 -18.45 5.64 -32.07
C PHE C 41 -19.75 5.37 -31.35
N ASP C 42 -20.76 4.95 -32.11
CA ASP C 42 -22.14 4.77 -31.66
C ASP C 42 -22.71 6.10 -31.18
N PRO C 43 -23.09 7.00 -32.09
CA PRO C 43 -23.63 8.30 -31.66
C PRO C 43 -24.84 8.17 -30.75
N VAL C 44 -25.72 7.20 -31.00
CA VAL C 44 -26.90 7.04 -30.15
C VAL C 44 -26.48 6.72 -28.72
N ARG C 45 -25.65 5.68 -28.56
CA ARG C 45 -25.24 5.31 -27.21
C ARG C 45 -24.40 6.41 -26.55
N SER C 46 -23.75 7.26 -27.36
CA SER C 46 -22.93 8.33 -26.79
C SER C 46 -23.77 9.40 -26.12
N LYS C 47 -25.06 9.49 -26.45
CA LYS C 47 -25.97 10.42 -25.81
C LYS C 47 -26.87 9.75 -24.79
N LYS C 48 -26.76 8.43 -24.63
CA LYS C 48 -27.57 7.72 -23.64
C LYS C 48 -26.97 7.90 -22.26
N ARG C 49 -27.84 8.14 -21.27
CA ARG C 49 -27.39 8.42 -19.91
C ARG C 49 -27.27 7.14 -19.10
N TYR C 50 -26.17 7.03 -18.35
CA TYR C 50 -25.96 5.92 -17.43
C TYR C 50 -25.52 6.48 -16.09
N SER C 51 -25.71 5.68 -15.06
CA SER C 51 -25.19 6.04 -13.75
C SER C 51 -23.69 6.33 -13.86
N PRO C 52 -23.19 7.41 -13.24
CA PRO C 52 -21.75 7.68 -13.31
C PRO C 52 -20.90 6.68 -12.54
N ALA C 53 -21.46 6.04 -11.51
CA ALA C 53 -20.69 5.18 -10.62
C ALA C 53 -19.43 5.92 -10.18
N SER C 54 -18.28 5.26 -10.19
CA SER C 54 -17.07 5.82 -9.62
C SER C 54 -16.50 7.01 -10.41
N THR C 55 -16.94 7.25 -11.65
CA THR C 55 -16.55 8.50 -12.28
C THR C 55 -17.11 9.71 -11.56
N PHE C 56 -18.17 9.53 -10.76
CA PHE C 56 -18.71 10.64 -9.98
C PHE C 56 -17.74 11.14 -8.92
N LYS C 57 -16.68 10.38 -8.61
CA LYS C 57 -15.71 10.87 -7.64
C LYS C 57 -15.03 12.15 -8.09
N ILE C 58 -15.03 12.45 -9.39
CA ILE C 58 -14.45 13.70 -9.86
C ILE C 58 -15.29 14.88 -9.38
N PRO C 59 -16.58 15.01 -9.75
CA PRO C 59 -17.35 16.14 -9.18
C PRO C 59 -17.58 16.02 -7.69
N HIS C 60 -17.71 14.80 -7.16
CA HIS C 60 -17.98 14.64 -5.74
C HIS C 60 -16.84 15.20 -4.89
N THR C 61 -15.60 15.05 -5.35
CA THR C 61 -14.49 15.63 -4.60
C THR C 61 -14.58 17.14 -4.57
N LEU C 62 -14.99 17.76 -5.68
CA LEU C 62 -15.18 19.20 -5.70
C LEU C 62 -16.28 19.60 -4.71
N PHE C 63 -17.40 18.88 -4.72
CA PHE C 63 -18.47 19.17 -3.77
C PHE C 63 -17.93 19.13 -2.35
N ALA C 64 -17.16 18.09 -2.03
CA ALA C 64 -16.66 17.87 -0.68
C ALA C 64 -15.66 18.95 -0.26
N LEU C 65 -14.77 19.35 -1.17
CA LEU C 65 -13.86 20.46 -0.88
C LEU C 65 -14.63 21.76 -0.69
N ASP C 66 -15.58 22.04 -1.58
CA ASP C 66 -16.30 23.30 -1.50
C ASP C 66 -17.08 23.43 -0.19
N ALA C 67 -17.69 22.33 0.25
CA ALA C 67 -18.49 22.30 1.47
C ALA C 67 -17.66 22.10 2.73
N GLY C 68 -16.33 22.02 2.62
CA GLY C 68 -15.51 21.78 3.78
C GLY C 68 -15.64 20.40 4.41
N ALA C 69 -16.25 19.43 3.71
CA ALA C 69 -16.23 18.06 4.19
C ALA C 69 -14.85 17.43 4.15
N VAL C 70 -13.92 17.98 3.34
CA VAL C 70 -12.53 17.59 3.38
C VAL C 70 -11.70 18.86 3.22
N ARG C 71 -10.67 19.00 4.06
CA ARG C 71 -9.87 20.22 4.08
C ARG C 71 -8.90 20.28 2.90
N ASP C 72 -8.20 19.18 2.65
CA ASP C 72 -7.12 19.17 1.66
C ASP C 72 -6.64 17.73 1.45
N GLU C 73 -5.53 17.58 0.72
CA GLU C 73 -4.98 16.26 0.39
C GLU C 73 -4.27 15.59 1.57
N PHE C 74 -4.16 16.28 2.71
CA PHE C 74 -3.45 15.72 3.85
C PHE C 74 -4.38 15.23 4.96
N GLN C 75 -5.66 15.58 4.90
CA GLN C 75 -6.59 15.07 5.88
C GLN C 75 -6.69 13.55 5.75
N ILE C 76 -6.54 12.86 6.88
CA ILE C 76 -6.63 11.40 6.93
C ILE C 76 -8.01 11.02 7.46
N PHE C 77 -8.69 10.11 6.77
CA PHE C 77 -9.97 9.57 7.21
C PHE C 77 -9.69 8.19 7.77
N ARG C 78 -9.92 8.02 9.07
CA ARG C 78 -9.49 6.79 9.73
C ARG C 78 -10.48 5.66 9.40
N TRP C 79 -9.92 4.49 9.10
CA TRP C 79 -10.73 3.32 8.79
C TRP C 79 -11.37 2.79 10.08
N ASP C 80 -12.68 2.50 10.01
CA ASP C 80 -13.44 2.02 11.17
C ASP C 80 -13.17 0.56 11.51
N GLY C 81 -12.23 -0.10 10.84
CA GLY C 81 -11.93 -1.49 11.14
C GLY C 81 -12.91 -2.51 10.59
N VAL C 82 -14.00 -2.06 9.97
CA VAL C 82 -15.02 -2.95 9.44
C VAL C 82 -14.62 -3.35 8.03
N ASN C 83 -14.66 -4.66 7.74
CA ASN C 83 -14.31 -5.17 6.42
C ASN C 83 -15.54 -5.10 5.52
N ARG C 84 -15.80 -3.90 5.03
CA ARG C 84 -16.73 -3.72 3.93
C ARG C 84 -15.94 -3.50 2.65
N GLY C 85 -16.57 -3.80 1.52
CA GLY C 85 -15.89 -3.59 0.26
C GLY C 85 -14.68 -4.49 0.08
N PHE C 86 -13.66 -3.94 -0.60
CA PHE C 86 -12.46 -4.67 -0.98
C PHE C 86 -11.23 -4.10 -0.27
N ALA C 87 -10.24 -4.97 -0.10
CA ALA C 87 -9.09 -4.76 0.77
C ALA C 87 -8.47 -3.37 0.74
N GLY C 88 -8.24 -2.80 -0.44
CA GLY C 88 -7.64 -1.48 -0.51
C GLY C 88 -8.45 -0.40 0.17
N HIS C 89 -9.74 -0.67 0.39
CA HIS C 89 -10.61 0.20 1.17
C HIS C 89 -10.45 -0.01 2.68
N ASN C 90 -9.88 -1.14 3.10
CA ASN C 90 -9.76 -1.51 4.51
C ASN C 90 -8.47 -0.96 5.11
N GLN C 91 -8.29 0.35 5.00
CA GLN C 91 -7.18 1.08 5.58
C GLN C 91 -7.57 2.54 5.67
N ASP C 92 -6.79 3.31 6.42
CA ASP C 92 -6.99 4.75 6.46
C ASP C 92 -6.80 5.32 5.06
N GLN C 93 -7.44 6.46 4.79
CA GLN C 93 -7.46 7.04 3.45
C GLN C 93 -7.16 8.53 3.48
N ASP C 94 -6.54 9.01 2.42
CA ASP C 94 -6.59 10.43 2.06
C ASP C 94 -7.26 10.54 0.70
N LEU C 95 -7.42 11.78 0.22
CA LEU C 95 -8.08 12.00 -1.07
C LEU C 95 -7.38 11.23 -2.19
N ARG C 96 -6.04 11.18 -2.16
CA ARG C 96 -5.31 10.46 -3.21
C ARG C 96 -5.61 8.97 -3.17
N SER C 97 -5.56 8.37 -1.98
CA SER C 97 -5.85 6.94 -1.90
C SER C 97 -7.31 6.65 -2.20
N ALA C 98 -8.22 7.54 -1.80
CA ALA C 98 -9.63 7.32 -2.08
C ALA C 98 -9.90 7.34 -3.58
N MET C 99 -9.20 8.21 -4.31
N MET C 99 -9.20 8.21 -4.31
CA MET C 99 -9.37 8.25 -5.76
CA MET C 99 -9.36 8.25 -5.76
C MET C 99 -8.71 7.02 -6.41
C MET C 99 -8.72 7.03 -6.41
N ARG C 100 -7.48 6.71 -6.04
CA ARG C 100 -6.78 5.61 -6.65
C ARG C 100 -7.43 4.27 -6.35
N ASN C 101 -7.80 4.04 -5.10
CA ASN C 101 -8.43 2.79 -4.71
C ASN C 101 -9.94 2.83 -4.89
N SER C 102 -10.49 4.00 -5.26
CA SER C 102 -11.92 4.14 -5.46
C SER C 102 -12.67 3.73 -4.21
N THR C 103 -12.26 4.31 -3.08
CA THR C 103 -12.74 3.94 -1.75
C THR C 103 -14.10 4.57 -1.51
N VAL C 104 -15.16 3.78 -1.68
CA VAL C 104 -16.52 4.32 -1.64
C VAL C 104 -16.85 4.89 -0.26
N TRP C 105 -16.37 4.27 0.82
CA TRP C 105 -16.86 4.69 2.13
C TRP C 105 -16.42 6.11 2.47
N VAL C 106 -15.28 6.56 1.95
CA VAL C 106 -14.92 7.96 2.12
C VAL C 106 -15.99 8.87 1.52
N TYR C 107 -16.47 8.54 0.32
CA TYR C 107 -17.43 9.40 -0.36
C TYR C 107 -18.82 9.30 0.26
N GLU C 108 -19.12 8.20 0.93
CA GLU C 108 -20.34 8.13 1.75
C GLU C 108 -20.32 9.15 2.88
N LEU C 109 -19.18 9.29 3.56
CA LEU C 109 -19.04 10.34 4.56
C LEU C 109 -19.30 11.72 3.95
N PHE C 110 -18.75 11.98 2.77
CA PHE C 110 -18.93 13.28 2.14
C PHE C 110 -20.41 13.54 1.85
N ALA C 111 -21.09 12.55 1.26
CA ALA C 111 -22.48 12.75 0.88
C ALA C 111 -23.34 13.09 2.10
N LYS C 112 -23.12 12.39 3.21
CA LYS C 112 -23.91 12.64 4.42
C LYS C 112 -23.70 14.07 4.91
N GLU C 113 -22.46 14.55 4.88
CA GLU C 113 -22.21 15.91 5.35
C GLU C 113 -22.77 16.95 4.40
N ILE C 114 -22.71 16.70 3.09
CA ILE C 114 -23.19 17.68 2.12
C ILE C 114 -24.71 17.77 2.16
N GLY C 115 -25.40 16.64 2.19
CA GLY C 115 -26.85 16.63 2.26
C GLY C 115 -27.51 16.76 0.89
N ASP C 116 -28.84 16.53 0.89
CA ASP C 116 -29.59 16.37 -0.34
C ASP C 116 -29.81 17.70 -1.06
N ASP C 117 -30.19 18.74 -0.30
CA ASP C 117 -30.47 20.03 -0.93
C ASP C 117 -29.21 20.58 -1.59
N LYS C 118 -28.06 20.50 -0.90
CA LYS C 118 -26.86 21.10 -1.44
C LYS C 118 -26.33 20.30 -2.64
N ALA C 119 -26.41 18.98 -2.59
CA ALA C 119 -26.05 18.17 -3.75
C ALA C 119 -26.87 18.54 -4.97
N ARG C 120 -28.18 18.74 -4.78
CA ARG C 120 -29.04 19.13 -5.88
C ARG C 120 -28.63 20.49 -6.44
N ARG C 121 -28.29 21.45 -5.57
CA ARG C 121 -27.79 22.73 -6.07
C ARG C 121 -26.47 22.55 -6.80
N TYR C 122 -25.58 21.72 -6.24
CA TYR C 122 -24.29 21.47 -6.86
C TYR C 122 -24.46 20.84 -8.25
N LEU C 123 -25.25 19.77 -8.33
CA LEU C 123 -25.42 19.05 -9.60
C LEU C 123 -26.06 19.93 -10.65
N LYS C 124 -27.04 20.75 -10.27
CA LYS C 124 -27.74 21.55 -11.27
C LYS C 124 -26.85 22.69 -11.79
N LYS C 125 -26.06 23.31 -10.92
CA LYS C 125 -25.28 24.43 -11.41
C LYS C 125 -24.05 24.01 -12.20
N ILE C 126 -23.65 22.73 -12.15
CA ILE C 126 -22.65 22.25 -13.09
C ILE C 126 -23.25 21.47 -14.24
N ASP C 127 -24.59 21.38 -14.31
CA ASP C 127 -25.29 20.76 -15.43
C ASP C 127 -24.81 19.32 -15.63
N TYR C 128 -24.74 18.57 -14.53
CA TYR C 128 -24.14 17.23 -14.55
C TYR C 128 -25.23 16.21 -14.91
N GLY C 129 -25.30 15.85 -16.19
CA GLY C 129 -26.25 14.84 -16.60
C GLY C 129 -27.67 15.32 -16.38
N ASN C 130 -28.52 14.47 -15.80
CA ASN C 130 -29.87 14.92 -15.48
C ASN C 130 -29.92 15.67 -14.16
N ALA C 131 -28.79 15.74 -13.44
CA ALA C 131 -28.68 16.47 -12.17
C ALA C 131 -29.76 16.05 -11.18
N ASP C 132 -30.08 14.76 -11.15
CA ASP C 132 -31.19 14.22 -10.35
C ASP C 132 -30.65 13.30 -9.26
N PRO C 133 -30.37 13.83 -8.07
CA PRO C 133 -29.78 12.98 -7.02
C PRO C 133 -30.79 12.17 -6.22
N SER C 134 -31.95 11.88 -6.79
CA SER C 134 -32.93 11.05 -6.10
C SER C 134 -32.37 9.64 -5.89
N THR C 135 -32.51 9.12 -4.67
CA THR C 135 -31.90 7.86 -4.28
C THR C 135 -32.85 6.68 -4.35
N SER C 136 -34.03 6.79 -3.71
CA SER C 136 -35.01 5.73 -3.54
C SER C 136 -34.53 4.62 -2.60
N ASN C 137 -33.39 4.80 -1.95
CA ASN C 137 -32.90 3.86 -0.96
C ASN C 137 -31.77 4.48 -0.15
N ASP C 139 -26.77 5.11 -2.35
CA ASP C 139 -25.83 6.07 -2.92
C ASP C 139 -26.31 6.55 -4.26
N TYR C 140 -26.64 7.84 -4.36
CA TYR C 140 -27.35 8.33 -5.53
C TYR C 140 -26.54 8.23 -6.82
N TRP C 141 -25.21 8.24 -6.75
CA TRP C 141 -24.39 8.23 -7.95
C TRP C 141 -24.15 6.84 -8.52
N ILE C 142 -24.66 5.78 -7.89
CA ILE C 142 -24.63 4.46 -8.49
C ILE C 142 -26.00 3.81 -8.55
N GLU C 143 -26.97 4.25 -7.76
CA GLU C 143 -28.35 3.82 -7.86
C GLU C 143 -29.24 5.04 -7.89
N GLY C 144 -30.21 5.05 -8.81
CA GLY C 144 -31.24 6.05 -8.79
C GLY C 144 -31.28 6.84 -10.09
N SER C 145 -31.76 8.08 -9.98
CA SER C 145 -32.05 8.87 -11.17
C SER C 145 -30.80 9.45 -11.80
N LEU C 146 -29.76 9.74 -11.01
CA LEU C 146 -28.58 10.42 -11.55
C LEU C 146 -27.94 9.60 -12.64
N ALA C 147 -27.90 10.16 -13.84
CA ALA C 147 -27.32 9.50 -14.99
C ALA C 147 -26.73 10.57 -15.90
N ILE C 148 -25.71 10.19 -16.66
CA ILE C 148 -25.00 11.12 -17.51
C ILE C 148 -24.51 10.37 -18.74
N SER C 149 -24.52 11.04 -19.89
CA SER C 149 -24.04 10.44 -21.13
C SER C 149 -22.53 10.63 -21.30
N ALA C 150 -21.97 9.93 -22.28
CA ALA C 150 -20.55 10.12 -22.62
C ALA C 150 -20.30 11.53 -23.14
N GLN C 151 -21.20 12.04 -23.98
CA GLN C 151 -21.04 13.40 -24.46
C GLN C 151 -21.12 14.41 -23.31
N GLU C 152 -21.98 14.15 -22.32
CA GLU C 152 -22.07 15.06 -21.18
C GLU C 152 -20.85 14.97 -20.27
N GLN C 153 -20.23 13.79 -20.17
CA GLN C 153 -18.97 13.69 -19.44
C GLN C 153 -17.88 14.55 -20.09
N ILE C 154 -17.78 14.51 -21.43
CA ILE C 154 -16.82 15.37 -22.13
C ILE C 154 -17.08 16.84 -21.78
N ALA C 155 -18.35 17.26 -21.84
CA ALA C 155 -18.72 18.62 -21.50
C ALA C 155 -18.24 19.01 -20.11
N PHE C 156 -18.51 18.15 -19.13
CA PHE C 156 -18.09 18.43 -17.76
C PHE C 156 -16.57 18.52 -17.65
N LEU C 157 -15.88 17.54 -18.24
CA LEU C 157 -14.43 17.47 -18.13
C LEU C 157 -13.75 18.68 -18.75
N ARG C 158 -14.28 19.19 -19.87
CA ARG C 158 -13.66 20.35 -20.48
C ARG C 158 -13.79 21.59 -19.60
N LYS C 159 -14.92 21.72 -18.90
CA LYS C 159 -15.09 22.83 -17.96
C LYS C 159 -14.07 22.74 -16.82
N LEU C 160 -13.86 21.54 -16.29
CA LEU C 160 -12.86 21.37 -15.25
C LEU C 160 -11.45 21.69 -15.76
N TYR C 161 -11.11 21.18 -16.94
CA TYR C 161 -9.83 21.50 -17.57
C TYR C 161 -9.57 23.00 -17.64
N ARG C 162 -10.59 23.77 -18.01
N ARG C 162 -10.60 23.76 -18.00
CA ARG C 162 -10.46 25.20 -18.20
CA ARG C 162 -10.50 25.20 -18.19
C ARG C 162 -10.68 26.00 -16.91
C ARG C 162 -10.61 25.99 -16.90
N ASN C 163 -10.81 25.31 -15.76
CA ASN C 163 -11.07 25.97 -14.48
C ASN C 163 -12.35 26.81 -14.51
N GLU C 164 -13.31 26.42 -15.35
CA GLU C 164 -14.52 27.21 -15.55
C GLU C 164 -15.70 26.77 -14.69
N LEU C 165 -15.53 25.73 -13.87
CA LEU C 165 -16.63 25.30 -13.03
C LEU C 165 -16.86 26.30 -11.90
N PRO C 166 -18.10 26.37 -11.38
CA PRO C 166 -18.42 27.28 -10.27
C PRO C 166 -17.90 26.78 -8.92
N PHE C 167 -16.58 26.60 -8.85
CA PHE C 167 -15.87 26.21 -7.63
C PHE C 167 -14.57 26.98 -7.58
N ARG C 168 -13.98 27.08 -6.38
CA ARG C 168 -12.70 27.74 -6.27
C ARG C 168 -11.69 27.07 -7.19
N VAL C 169 -10.84 27.88 -7.83
CA VAL C 169 -9.85 27.32 -8.74
C VAL C 169 -8.95 26.34 -7.99
N GLU C 170 -8.61 26.65 -6.73
CA GLU C 170 -7.70 25.76 -6.00
C GLU C 170 -8.29 24.36 -5.89
N HIS C 171 -9.62 24.27 -5.76
CA HIS C 171 -10.27 22.96 -5.67
C HIS C 171 -10.30 22.25 -7.00
N GLN C 172 -10.56 22.98 -8.08
CA GLN C 172 -10.50 22.36 -9.40
C GLN C 172 -9.09 21.86 -9.72
N ARG C 173 -8.06 22.60 -9.33
CA ARG C 173 -6.69 22.13 -9.56
C ARG C 173 -6.37 20.90 -8.71
N LEU C 174 -6.86 20.86 -7.47
CA LEU C 174 -6.62 19.68 -6.64
C LEU C 174 -7.25 18.44 -7.26
N VAL C 175 -8.49 18.55 -7.73
CA VAL C 175 -9.14 17.38 -8.35
C VAL C 175 -8.39 16.95 -9.62
N LYS C 176 -7.97 17.90 -10.45
CA LYS C 176 -7.19 17.51 -11.64
C LYS C 176 -5.87 16.83 -11.27
N ASP C 177 -5.25 17.27 -10.17
CA ASP C 177 -4.06 16.60 -9.65
C ASP C 177 -4.38 15.17 -9.22
N LEU C 178 -5.48 14.99 -8.48
CA LEU C 178 -5.87 13.67 -7.98
C LEU C 178 -6.18 12.69 -9.10
N MET C 179 -6.60 13.19 -10.26
CA MET C 179 -6.93 12.35 -11.41
C MET C 179 -5.70 11.81 -12.16
N ILE C 180 -4.49 12.22 -11.80
CA ILE C 180 -3.33 11.78 -12.60
C ILE C 180 -3.13 10.28 -12.45
N VAL C 181 -3.09 9.58 -13.57
N VAL C 181 -3.04 9.61 -13.61
CA VAL C 181 -2.77 8.16 -13.52
CA VAL C 181 -2.89 8.17 -13.71
C VAL C 181 -1.48 7.80 -14.25
C VAL C 181 -1.51 7.82 -14.25
N GLU C 182 -0.97 8.67 -15.12
CA GLU C 182 0.29 8.41 -15.80
C GLU C 182 0.81 9.71 -16.40
N ALA C 183 2.13 9.82 -16.53
CA ALA C 183 2.67 10.97 -17.26
C ALA C 183 4.06 10.66 -17.79
N GLY C 184 4.42 11.35 -18.86
CA GLY C 184 5.77 11.38 -19.38
C GLY C 184 6.26 12.82 -19.46
N ARG C 185 7.41 13.07 -20.06
N ARG C 185 7.42 13.05 -20.09
CA ARG C 185 7.95 14.42 -19.96
CA ARG C 185 8.02 14.37 -20.07
C ARG C 185 7.15 15.44 -20.75
C ARG C 185 7.11 15.42 -20.72
N ASN C 186 6.31 15.02 -21.71
CA ASN C 186 5.48 15.99 -22.43
C ASN C 186 4.01 15.59 -22.48
N TRP C 187 3.55 14.71 -21.59
CA TRP C 187 2.15 14.33 -21.62
C TRP C 187 1.68 13.93 -20.23
N ILE C 188 0.41 14.21 -19.93
CA ILE C 188 -0.18 13.87 -18.65
C ILE C 188 -1.56 13.28 -18.89
N LEU C 189 -1.81 12.10 -18.35
CA LEU C 189 -3.09 11.42 -18.47
C LEU C 189 -3.84 11.56 -17.15
N ARG C 190 -5.05 12.13 -17.22
CA ARG C 190 -5.90 12.35 -16.05
C ARG C 190 -7.20 11.60 -16.32
N ALA C 191 -7.58 10.67 -15.45
CA ALA C 191 -8.73 9.85 -15.79
C ALA C 191 -9.32 9.19 -14.55
N LYS C 192 -10.52 8.62 -14.72
CA LYS C 192 -11.18 7.88 -13.63
C LYS C 192 -12.06 6.78 -14.22
N THR C 193 -11.94 5.57 -13.69
CA THR C 193 -12.83 4.47 -14.04
C THR C 193 -14.12 4.50 -13.23
N GLY C 194 -15.11 3.76 -13.73
CA GLY C 194 -16.30 3.47 -12.95
C GLY C 194 -16.90 2.16 -13.39
N TRP C 195 -17.56 1.48 -12.47
CA TRP C 195 -18.23 0.21 -12.76
C TRP C 195 -19.56 0.19 -12.02
N GLU C 196 -20.64 0.17 -12.77
CA GLU C 196 -22.00 0.13 -12.22
C GLU C 196 -22.49 -1.29 -11.95
N GLY C 197 -21.84 -2.28 -12.54
CA GLY C 197 -22.21 -3.68 -12.37
C GLY C 197 -22.48 -4.32 -13.71
N ARG C 198 -23.39 -3.71 -14.48
CA ARG C 198 -23.71 -4.19 -15.81
C ARG C 198 -23.05 -3.37 -16.90
N MET C 199 -22.53 -2.18 -16.56
CA MET C 199 -21.75 -1.42 -17.51
C MET C 199 -20.65 -0.69 -16.73
N GLY C 200 -19.72 -0.10 -17.48
CA GLY C 200 -18.59 0.56 -16.85
C GLY C 200 -18.06 1.67 -17.74
N TRP C 201 -17.16 2.49 -17.17
CA TRP C 201 -16.70 3.73 -17.76
C TRP C 201 -15.18 3.84 -17.71
N TRP C 202 -14.64 4.63 -18.64
CA TRP C 202 -13.37 5.33 -18.42
C TRP C 202 -13.50 6.71 -19.05
N VAL C 203 -13.22 7.76 -18.27
CA VAL C 203 -13.36 9.14 -18.74
C VAL C 203 -12.14 9.93 -18.29
N GLY C 204 -11.78 10.95 -19.06
CA GLY C 204 -10.61 11.74 -18.70
C GLY C 204 -10.06 12.46 -19.91
N TRP C 205 -8.77 12.80 -19.83
CA TRP C 205 -8.11 13.41 -20.97
C TRP C 205 -6.60 13.22 -20.86
N VAL C 206 -5.92 13.43 -21.97
N VAL C 206 -5.93 13.43 -21.98
CA VAL C 206 -4.46 13.43 -21.99
CA VAL C 206 -4.47 13.44 -22.07
C VAL C 206 -4.00 14.77 -22.55
C VAL C 206 -4.04 14.81 -22.55
N GLU C 207 -3.11 15.43 -21.83
CA GLU C 207 -2.62 16.76 -22.14
C GLU C 207 -1.28 16.67 -22.85
N TRP C 208 -1.20 17.30 -24.02
CA TRP C 208 0.01 17.39 -24.81
C TRP C 208 0.42 18.85 -24.93
N PRO C 209 1.66 19.13 -25.35
CA PRO C 209 2.07 20.55 -25.44
C PRO C 209 1.13 21.39 -26.28
N THR C 210 0.56 20.82 -27.34
CA THR C 210 -0.32 21.57 -28.23
C THR C 210 -1.79 21.52 -27.81
N GLY C 211 -2.15 20.78 -26.78
CA GLY C 211 -3.55 20.77 -26.40
C GLY C 211 -3.96 19.43 -25.84
N SER C 212 -5.21 19.28 -25.46
CA SER C 212 -5.64 18.08 -24.75
C SER C 212 -6.60 17.26 -25.59
N VAL C 213 -6.62 15.96 -25.30
CA VAL C 213 -7.50 14.99 -25.96
C VAL C 213 -8.41 14.39 -24.89
N PHE C 214 -9.67 14.78 -24.91
CA PHE C 214 -10.67 14.31 -23.96
C PHE C 214 -11.30 13.03 -24.48
N PHE C 215 -11.65 12.13 -23.55
CA PHE C 215 -12.33 10.89 -23.93
C PHE C 215 -13.37 10.52 -22.90
N ALA C 216 -14.42 9.85 -23.37
CA ALA C 216 -15.40 9.26 -22.46
C ALA C 216 -15.91 7.99 -23.12
N LEU C 217 -15.61 6.84 -22.52
CA LEU C 217 -16.10 5.56 -23.00
C LEU C 217 -16.98 4.88 -21.97
N ASN C 218 -18.05 4.23 -22.41
CA ASN C 218 -18.68 3.23 -21.55
C ASN C 218 -18.94 1.98 -22.38
N ILE C 219 -18.91 0.84 -21.68
CA ILE C 219 -19.15 -0.47 -22.30
C ILE C 219 -20.05 -1.28 -21.37
N ASP C 220 -20.72 -2.26 -21.96
CA ASP C 220 -21.37 -3.31 -21.18
C ASP C 220 -20.33 -4.24 -20.57
N THR C 221 -20.63 -4.74 -19.37
CA THR C 221 -19.75 -5.68 -18.66
C THR C 221 -20.49 -6.97 -18.34
N PRO C 222 -20.92 -7.73 -19.35
CA PRO C 222 -21.66 -8.97 -19.06
C PRO C 222 -20.82 -10.01 -18.32
N ASN C 223 -19.50 -10.01 -18.53
CA ASN C 223 -18.61 -10.88 -17.77
C ASN C 223 -18.17 -10.25 -16.46
N ARG C 224 -18.83 -9.17 -16.04
CA ARG C 224 -18.54 -8.45 -14.79
C ARG C 224 -17.05 -8.16 -14.61
N MET C 225 -16.45 -8.73 -13.56
CA MET C 225 -15.05 -8.46 -13.23
C MET C 225 -14.12 -8.71 -14.41
N ASP C 226 -14.39 -9.77 -15.18
CA ASP C 226 -13.49 -10.17 -16.26
C ASP C 226 -13.48 -9.18 -17.40
N ASP C 227 -14.47 -8.29 -17.49
CA ASP C 227 -14.49 -7.28 -18.53
C ASP C 227 -13.80 -5.98 -18.14
N LEU C 228 -13.40 -5.82 -16.88
CA LEU C 228 -13.04 -4.48 -16.42
C LEU C 228 -11.81 -3.94 -17.14
N PHE C 229 -10.86 -4.81 -17.51
CA PHE C 229 -9.66 -4.35 -18.20
C PHE C 229 -9.97 -3.69 -19.53
N LYS C 230 -11.14 -3.99 -20.10
CA LYS C 230 -11.49 -3.48 -21.42
C LYS C 230 -11.74 -1.98 -21.43
N ARG C 231 -12.13 -1.40 -20.29
CA ARG C 231 -12.39 0.04 -20.22
C ARG C 231 -11.17 0.82 -20.65
N GLU C 232 -10.04 0.58 -19.99
CA GLU C 232 -8.78 1.23 -20.37
C GLU C 232 -8.25 0.70 -21.69
N ALA C 233 -8.38 -0.61 -21.94
CA ALA C 233 -7.70 -1.18 -23.10
C ALA C 233 -8.25 -0.61 -24.41
N ILE C 234 -9.57 -0.46 -24.49
CA ILE C 234 -10.15 0.09 -25.71
C ILE C 234 -9.73 1.53 -25.92
N VAL C 235 -9.84 2.34 -24.86
CA VAL C 235 -9.45 3.75 -24.97
C VAL C 235 -7.99 3.88 -25.36
N ARG C 236 -7.10 3.15 -24.67
CA ARG C 236 -5.67 3.28 -24.96
C ARG C 236 -5.37 2.90 -26.41
N ALA C 237 -6.01 1.88 -26.94
CA ALA C 237 -5.77 1.51 -28.34
C ALA C 237 -6.19 2.62 -29.30
N ILE C 238 -7.36 3.24 -29.04
CA ILE C 238 -7.83 4.32 -29.90
C ILE C 238 -6.94 5.55 -29.77
N LEU C 239 -6.60 5.94 -28.54
CA LEU C 239 -5.71 7.08 -28.35
C LEU C 239 -4.36 6.87 -29.01
N ARG C 240 -3.80 5.66 -28.91
CA ARG C 240 -2.55 5.41 -29.59
C ARG C 240 -2.70 5.55 -31.11
N SER C 241 -3.87 5.15 -31.64
CA SER C 241 -4.03 5.22 -33.08
C SER C 241 -4.06 6.64 -33.59
N ILE C 242 -4.39 7.62 -32.75
CA ILE C 242 -4.31 9.03 -33.13
C ILE C 242 -3.14 9.73 -32.44
N GLU C 243 -2.16 8.96 -31.97
CA GLU C 243 -0.92 9.49 -31.38
C GLU C 243 -1.20 10.39 -30.18
N ALA C 244 -2.28 10.10 -29.45
CA ALA C 244 -2.60 10.82 -28.23
C ALA C 244 -2.07 10.11 -26.98
N LEU C 245 -1.46 8.95 -27.13
CA LEU C 245 -0.62 8.31 -26.13
C LEU C 245 0.66 7.87 -26.83
N PRO C 246 1.77 7.78 -26.11
CA PRO C 246 3.03 7.39 -26.76
C PRO C 246 2.97 5.96 -27.24
N PRO C 247 3.79 5.58 -28.24
CA PRO C 247 3.88 4.22 -28.79
C PRO C 247 4.57 3.22 -27.86
N THR D 7 -24.47 -32.95 14.48
CA THR D 7 -25.24 -31.87 13.88
C THR D 7 -26.45 -31.48 14.73
N LEU D 8 -26.59 -30.18 14.99
CA LEU D 8 -27.68 -29.62 15.78
C LEU D 8 -28.13 -28.32 15.12
N GLU D 9 -29.43 -28.23 14.82
CA GLU D 9 -29.98 -27.02 14.20
C GLU D 9 -30.21 -25.96 15.26
N ARG D 10 -29.79 -24.73 14.97
CA ARG D 10 -29.98 -23.61 15.89
C ARG D 10 -30.88 -22.57 15.22
N SER D 11 -32.19 -22.80 15.30
CA SER D 11 -33.15 -21.90 14.69
C SER D 11 -33.14 -20.51 15.35
N ASP D 12 -32.67 -20.42 16.60
CA ASP D 12 -32.57 -19.12 17.24
C ASP D 12 -31.59 -18.19 16.54
N TRP D 13 -30.62 -18.75 15.83
CA TRP D 13 -29.60 -17.95 15.13
C TRP D 13 -30.21 -17.16 13.98
N ARG D 14 -31.51 -17.37 13.73
CA ARG D 14 -32.21 -16.58 12.74
C ARG D 14 -32.10 -15.08 13.04
N LYS D 15 -32.09 -14.72 14.33
CA LYS D 15 -32.01 -13.30 14.69
C LYS D 15 -30.73 -12.65 14.19
N PHE D 16 -29.64 -13.42 14.10
CA PHE D 16 -28.40 -12.85 13.58
C PHE D 16 -28.52 -12.58 12.08
N PHE D 17 -29.18 -13.46 11.34
CA PHE D 17 -29.39 -13.17 9.92
C PHE D 17 -30.43 -12.07 9.74
N SER D 18 -31.47 -12.06 10.60
CA SER D 18 -32.48 -11.02 10.52
C SER D 18 -31.92 -9.67 10.92
N GLU D 19 -31.02 -9.64 11.91
CA GLU D 19 -30.41 -8.39 12.33
C GLU D 19 -29.79 -7.66 11.14
N PHE D 20 -29.23 -8.40 10.19
CA PHE D 20 -28.56 -7.82 9.04
C PHE D 20 -29.35 -8.03 7.76
N GLN D 21 -30.62 -8.37 7.87
CA GLN D 21 -31.53 -8.54 6.73
C GLN D 21 -30.89 -9.41 5.64
N ALA D 22 -30.61 -10.65 6.02
CA ALA D 22 -29.80 -11.53 5.18
C ALA D 22 -30.35 -12.94 5.17
N LYS D 23 -30.22 -13.59 4.03
CA LYS D 23 -30.60 -14.98 3.87
C LYS D 23 -29.35 -15.81 3.63
N GLY D 24 -29.14 -16.82 4.46
CA GLY D 24 -27.96 -17.64 4.29
C GLY D 24 -27.92 -18.78 5.27
N THR D 25 -26.73 -19.37 5.37
CA THR D 25 -26.47 -20.51 6.22
C THR D 25 -25.15 -20.26 6.93
N ILE D 26 -24.99 -20.91 8.08
CA ILE D 26 -23.69 -20.97 8.72
C ILE D 26 -23.56 -22.32 9.38
N VAL D 27 -22.35 -22.86 9.34
CA VAL D 27 -21.99 -24.06 10.08
C VAL D 27 -20.85 -23.70 11.02
N VAL D 28 -20.97 -24.08 12.28
CA VAL D 28 -19.98 -23.78 13.31
C VAL D 28 -19.61 -25.09 13.99
N ALA D 29 -18.33 -25.47 13.91
CA ALA D 29 -17.80 -26.66 14.59
C ALA D 29 -16.85 -26.20 15.69
N ASP D 30 -17.27 -26.33 16.94
CA ASP D 30 -16.54 -25.83 18.10
C ASP D 30 -15.81 -27.01 18.73
N GLU D 31 -14.50 -27.11 18.49
CA GLU D 31 -13.71 -28.21 19.03
C GLU D 31 -13.15 -27.91 20.41
N ARG D 32 -13.60 -26.85 21.06
CA ARG D 32 -13.01 -26.48 22.34
C ARG D 32 -13.39 -27.47 23.43
N GLN D 33 -14.65 -27.88 23.46
CA GLN D 33 -15.13 -28.75 24.52
C GLN D 33 -15.61 -30.07 23.92
N ALA D 34 -15.45 -31.13 24.69
CA ALA D 34 -16.03 -32.41 24.34
C ALA D 34 -17.56 -32.29 24.31
N ASP D 35 -18.19 -33.21 23.56
CA ASP D 35 -19.63 -33.31 23.37
C ASP D 35 -20.19 -32.17 22.53
N ARG D 36 -19.34 -31.32 21.97
CA ARG D 36 -19.83 -30.31 21.04
C ARG D 36 -20.07 -30.94 19.68
N ALA D 37 -21.28 -30.78 19.16
CA ALA D 37 -21.63 -31.19 17.80
C ALA D 37 -21.70 -29.96 16.90
N MET D 38 -21.67 -30.20 15.59
CA MET D 38 -21.75 -29.09 14.65
C MET D 38 -23.06 -28.34 14.84
N LEU D 39 -22.95 -27.01 14.90
CA LEU D 39 -24.11 -26.13 15.01
C LEU D 39 -24.41 -25.53 13.65
N VAL D 40 -25.68 -25.54 13.25
CA VAL D 40 -26.06 -25.17 11.89
C VAL D 40 -27.28 -24.27 11.92
N PHE D 41 -27.27 -23.23 11.07
CA PHE D 41 -28.49 -22.54 10.71
C PHE D 41 -28.80 -22.84 9.25
N ASP D 42 -30.05 -23.22 8.98
CA ASP D 42 -30.52 -23.71 7.68
C ASP D 42 -29.71 -24.93 7.25
N PRO D 43 -30.03 -26.11 7.77
CA PRO D 43 -29.25 -27.32 7.44
C PRO D 43 -29.29 -27.69 5.96
N VAL D 44 -30.42 -27.49 5.28
CA VAL D 44 -30.49 -27.84 3.87
C VAL D 44 -29.55 -26.94 3.07
N ARG D 45 -29.62 -25.63 3.29
CA ARG D 45 -28.71 -24.73 2.59
C ARG D 45 -27.26 -25.01 2.95
N SER D 46 -27.00 -25.44 4.20
CA SER D 46 -25.63 -25.74 4.61
C SER D 46 -25.00 -26.83 3.77
N LYS D 47 -25.80 -27.65 3.08
CA LYS D 47 -25.28 -28.74 2.27
C LYS D 47 -25.41 -28.47 0.78
N LYS D 48 -25.93 -27.30 0.40
CA LYS D 48 -26.03 -26.89 -0.98
C LYS D 48 -24.69 -26.35 -1.46
N ARG D 49 -24.24 -26.82 -2.63
CA ARG D 49 -22.93 -26.43 -3.13
C ARG D 49 -23.02 -25.10 -3.89
N TYR D 50 -22.03 -24.24 -3.67
CA TYR D 50 -21.88 -22.98 -4.38
C TYR D 50 -20.46 -22.84 -4.88
N SER D 51 -20.27 -22.03 -5.92
CA SER D 51 -18.91 -21.71 -6.35
C SER D 51 -18.09 -21.16 -5.19
N PRO D 52 -16.85 -21.63 -4.97
CA PRO D 52 -16.07 -21.14 -3.82
C PRO D 52 -15.64 -19.69 -3.96
N ALA D 53 -15.63 -19.16 -5.18
CA ALA D 53 -15.10 -17.82 -5.45
C ALA D 53 -13.77 -17.62 -4.73
N SER D 54 -13.60 -16.48 -4.07
CA SER D 54 -12.29 -16.18 -3.53
C SER D 54 -11.90 -17.05 -2.34
N THR D 55 -12.83 -17.81 -1.73
CA THR D 55 -12.36 -18.77 -0.74
C THR D 55 -11.48 -19.83 -1.37
N PHE D 56 -11.53 -19.99 -2.69
CA PHE D 56 -10.68 -20.96 -3.35
C PHE D 56 -9.21 -20.61 -3.26
N LYS D 57 -8.86 -19.37 -2.88
CA LYS D 57 -7.45 -19.03 -2.76
C LYS D 57 -6.75 -19.88 -1.72
N ILE D 58 -7.49 -20.47 -0.77
CA ILE D 58 -6.87 -21.33 0.24
C ILE D 58 -6.35 -22.58 -0.48
N PRO D 59 -7.18 -23.44 -1.07
CA PRO D 59 -6.60 -24.57 -1.81
C PRO D 59 -5.75 -24.14 -2.99
N HIS D 60 -6.12 -23.06 -3.69
CA HIS D 60 -5.37 -22.68 -4.88
C HIS D 60 -3.93 -22.31 -4.54
N THR D 61 -3.69 -21.70 -3.37
CA THR D 61 -2.32 -21.40 -2.97
C THR D 61 -1.53 -22.69 -2.73
N LEU D 62 -2.16 -23.70 -2.15
CA LEU D 62 -1.51 -24.99 -1.95
C LEU D 62 -1.09 -25.61 -3.29
N PHE D 63 -1.98 -25.53 -4.29
CA PHE D 63 -1.65 -26.03 -5.62
C PHE D 63 -0.45 -25.28 -6.18
N ALA D 64 -0.49 -23.94 -6.11
CA ALA D 64 0.56 -23.11 -6.68
C ALA D 64 1.92 -23.42 -6.04
N LEU D 65 1.94 -23.60 -4.72
CA LEU D 65 3.19 -23.95 -4.05
C LEU D 65 3.64 -25.35 -4.44
N ASP D 66 2.72 -26.31 -4.43
CA ASP D 66 3.08 -27.68 -4.77
C ASP D 66 3.60 -27.79 -6.19
N ALA D 67 2.92 -27.17 -7.15
CA ALA D 67 3.31 -27.24 -8.55
C ALA D 67 4.47 -26.32 -8.90
N GLY D 68 5.02 -25.61 -7.93
CA GLY D 68 6.13 -24.71 -8.17
C GLY D 68 5.77 -23.40 -8.83
N ALA D 69 4.49 -23.06 -8.92
CA ALA D 69 4.09 -21.81 -9.56
C ALA D 69 4.49 -20.60 -8.72
N VAL D 70 4.80 -20.80 -7.45
CA VAL D 70 5.31 -19.75 -6.58
C VAL D 70 6.29 -20.42 -5.62
N ARG D 71 7.40 -19.73 -5.34
CA ARG D 71 8.46 -20.32 -4.52
C ARG D 71 8.14 -20.22 -3.04
N ASP D 72 7.90 -19.00 -2.56
CA ASP D 72 7.70 -18.78 -1.13
C ASP D 72 7.02 -17.43 -0.94
N GLU D 73 6.94 -16.98 0.32
CA GLU D 73 6.26 -15.73 0.63
C GLU D 73 7.05 -14.50 0.18
N PHE D 74 8.27 -14.65 -0.31
CA PHE D 74 9.08 -13.49 -0.66
C PHE D 74 9.11 -13.23 -2.16
N GLN D 75 8.65 -14.17 -2.98
CA GLN D 75 8.57 -13.95 -4.42
C GLN D 75 7.64 -12.79 -4.73
N ILE D 76 8.12 -11.86 -5.55
CA ILE D 76 7.33 -10.69 -5.94
C ILE D 76 6.77 -10.92 -7.33
N PHE D 77 5.49 -10.63 -7.51
CA PHE D 77 4.84 -10.68 -8.82
C PHE D 77 4.67 -9.24 -9.29
N ARG D 78 5.52 -8.84 -10.24
CA ARG D 78 5.46 -7.49 -10.75
C ARG D 78 4.13 -7.24 -11.45
N TRP D 79 3.52 -6.09 -11.14
CA TRP D 79 2.27 -5.70 -11.77
C TRP D 79 2.47 -5.49 -13.27
N ASP D 80 1.66 -6.20 -14.09
CA ASP D 80 1.81 -6.18 -15.54
C ASP D 80 1.39 -4.85 -16.18
N GLY D 81 1.35 -3.74 -15.43
CA GLY D 81 1.03 -2.43 -15.97
C GLY D 81 -0.42 -2.19 -16.34
N VAL D 82 -1.15 -3.28 -16.62
CA VAL D 82 -2.51 -3.21 -17.10
C VAL D 82 -3.45 -3.04 -15.91
N ASN D 83 -4.40 -2.11 -16.03
CA ASN D 83 -5.43 -1.90 -15.00
C ASN D 83 -6.43 -3.04 -15.09
N ARG D 84 -6.06 -4.16 -14.48
CA ARG D 84 -6.94 -5.31 -14.40
C ARG D 84 -7.75 -5.25 -13.12
N GLY D 85 -9.01 -5.66 -13.20
CA GLY D 85 -9.82 -5.83 -12.01
C GLY D 85 -10.07 -4.52 -11.28
N PHE D 86 -9.98 -4.59 -9.95
CA PHE D 86 -10.29 -3.45 -9.10
C PHE D 86 -9.12 -2.48 -9.04
N ALA D 87 -9.46 -1.21 -8.82
CA ALA D 87 -8.44 -0.16 -8.82
C ALA D 87 -7.29 -0.47 -7.85
N GLY D 88 -7.58 -1.15 -6.73
CA GLY D 88 -6.56 -1.46 -5.75
C GLY D 88 -5.65 -2.64 -6.07
N HIS D 89 -5.98 -3.46 -7.06
CA HIS D 89 -5.13 -4.57 -7.47
C HIS D 89 -3.93 -4.13 -8.29
N ASN D 90 -3.85 -2.85 -8.63
CA ASN D 90 -2.91 -2.38 -9.64
C ASN D 90 -1.62 -1.91 -8.96
N GLN D 91 -0.90 -2.90 -8.45
CA GLN D 91 0.37 -2.71 -7.74
C GLN D 91 1.02 -4.08 -7.57
N ASP D 92 2.33 -4.05 -7.27
CA ASP D 92 3.09 -5.29 -7.10
C ASP D 92 2.51 -6.13 -5.97
N GLN D 93 2.79 -7.44 -6.02
CA GLN D 93 2.16 -8.39 -5.11
C GLN D 93 3.15 -9.44 -4.63
N ASP D 94 2.94 -9.90 -3.40
CA ASP D 94 3.43 -11.20 -2.93
C ASP D 94 2.24 -12.03 -2.46
N LEU D 95 2.52 -13.23 -1.95
CA LEU D 95 1.45 -14.11 -1.50
C LEU D 95 0.61 -13.46 -0.42
N ARG D 96 1.25 -12.79 0.54
CA ARG D 96 0.52 -12.11 1.60
C ARG D 96 -0.44 -11.07 1.03
N SER D 97 0.05 -10.19 0.16
CA SER D 97 -0.84 -9.16 -0.37
C SER D 97 -1.88 -9.76 -1.31
N ALA D 98 -1.53 -10.84 -2.02
CA ALA D 98 -2.50 -11.49 -2.89
C ALA D 98 -3.66 -12.05 -2.09
N MET D 99 -3.36 -12.74 -0.99
CA MET D 99 -4.42 -13.28 -0.14
C MET D 99 -5.25 -12.16 0.49
N ARG D 100 -4.58 -11.13 1.02
CA ARG D 100 -5.28 -10.05 1.72
C ARG D 100 -6.09 -9.17 0.78
N ASN D 101 -5.53 -8.83 -0.37
CA ASN D 101 -6.22 -8.01 -1.34
C ASN D 101 -7.10 -8.83 -2.28
N SER D 102 -7.10 -10.15 -2.12
CA SER D 102 -7.81 -11.08 -3.01
C SER D 102 -7.52 -10.72 -4.47
N THR D 103 -6.23 -10.61 -4.77
CA THR D 103 -5.75 -10.15 -6.08
C THR D 103 -5.89 -11.29 -7.08
N VAL D 104 -6.96 -11.24 -7.88
CA VAL D 104 -7.27 -12.35 -8.79
C VAL D 104 -6.14 -12.57 -9.78
N TRP D 105 -5.53 -11.49 -10.28
CA TRP D 105 -4.60 -11.66 -11.41
C TRP D 105 -3.35 -12.44 -11.04
N VAL D 106 -2.99 -12.52 -9.75
CA VAL D 106 -1.91 -13.40 -9.34
C VAL D 106 -2.35 -14.86 -9.43
N TYR D 107 -3.57 -15.15 -9.01
CA TYR D 107 -4.04 -16.55 -9.09
C TYR D 107 -4.36 -16.97 -10.51
N GLU D 108 -4.65 -16.02 -11.40
CA GLU D 108 -4.77 -16.36 -12.81
C GLU D 108 -3.43 -16.76 -13.39
N LEU D 109 -2.33 -16.11 -12.94
CA LEU D 109 -1.00 -16.58 -13.31
C LEU D 109 -0.77 -18.00 -12.81
N PHE D 110 -1.09 -18.26 -11.54
CA PHE D 110 -0.98 -19.63 -11.01
C PHE D 110 -1.82 -20.60 -11.84
N ALA D 111 -3.07 -20.23 -12.14
CA ALA D 111 -3.95 -21.14 -12.86
C ALA D 111 -3.41 -21.45 -14.25
N LYS D 112 -2.73 -20.49 -14.88
CA LYS D 112 -2.12 -20.74 -16.19
C LYS D 112 -0.94 -21.71 -16.06
N GLU D 113 -0.09 -21.52 -15.05
CA GLU D 113 1.09 -22.36 -14.87
C GLU D 113 0.73 -23.76 -14.40
N ILE D 114 -0.31 -23.88 -13.57
CA ILE D 114 -0.88 -25.19 -13.28
C ILE D 114 -1.73 -25.61 -14.46
N GLY D 115 -1.60 -26.87 -14.88
CA GLY D 115 -2.47 -27.35 -15.92
C GLY D 115 -3.93 -27.38 -15.48
N ASP D 116 -4.83 -27.30 -16.47
CA ASP D 116 -6.22 -27.66 -16.20
C ASP D 116 -6.32 -29.11 -15.78
N ASP D 117 -5.45 -29.96 -16.32
CA ASP D 117 -5.43 -31.37 -15.93
C ASP D 117 -4.87 -31.54 -14.52
N LYS D 118 -3.83 -30.78 -14.18
CA LYS D 118 -3.26 -30.87 -12.85
C LYS D 118 -4.24 -30.33 -11.81
N ALA D 119 -4.95 -29.25 -12.15
CA ALA D 119 -5.98 -28.71 -11.26
C ALA D 119 -7.04 -29.76 -10.94
N ARG D 120 -7.47 -30.51 -11.95
CA ARG D 120 -8.44 -31.57 -11.70
C ARG D 120 -7.83 -32.65 -10.80
N ARG D 121 -6.57 -33.01 -11.04
CA ARG D 121 -5.92 -34.01 -10.18
C ARG D 121 -5.87 -33.53 -8.75
N TYR D 122 -5.43 -32.29 -8.55
CA TYR D 122 -5.35 -31.70 -7.22
C TYR D 122 -6.71 -31.73 -6.52
N LEU D 123 -7.77 -31.27 -7.21
CA LEU D 123 -9.08 -31.18 -6.59
C LEU D 123 -9.61 -32.56 -6.19
N LYS D 124 -9.46 -33.55 -7.07
CA LYS D 124 -9.93 -34.89 -6.74
C LYS D 124 -9.19 -35.47 -5.55
N LYS D 125 -7.89 -35.18 -5.45
CA LYS D 125 -7.08 -35.74 -4.37
C LYS D 125 -7.54 -35.28 -2.99
N ILE D 126 -8.05 -34.04 -2.88
CA ILE D 126 -8.51 -33.52 -1.60
C ILE D 126 -10.02 -33.55 -1.46
N ASP D 127 -10.74 -34.04 -2.45
CA ASP D 127 -12.22 -34.15 -2.40
C ASP D 127 -12.86 -32.80 -2.06
N TYR D 128 -12.50 -31.79 -2.83
CA TYR D 128 -12.93 -30.41 -2.58
C TYR D 128 -14.26 -30.19 -3.28
N GLY D 129 -15.34 -30.22 -2.52
CA GLY D 129 -16.67 -30.05 -3.10
C GLY D 129 -16.94 -31.16 -4.09
N ASN D 130 -17.54 -30.78 -5.23
CA ASN D 130 -17.75 -31.77 -6.30
C ASN D 130 -16.46 -32.07 -7.06
N ALA D 131 -15.38 -31.33 -6.80
CA ALA D 131 -14.06 -31.58 -7.40
C ALA D 131 -14.13 -31.61 -8.92
N ASP D 132 -14.94 -30.72 -9.50
CA ASP D 132 -15.23 -30.71 -10.93
C ASP D 132 -14.91 -29.35 -11.54
N PRO D 133 -13.68 -29.15 -12.03
CA PRO D 133 -13.35 -27.86 -12.66
C PRO D 133 -13.59 -27.87 -14.16
N SER D 134 -14.51 -28.72 -14.63
CA SER D 134 -14.57 -29.02 -16.06
C SER D 134 -15.13 -27.86 -16.87
N THR D 135 -16.13 -27.17 -16.35
CA THR D 135 -16.81 -26.11 -17.07
C THR D 135 -16.45 -24.75 -16.48
N SER D 136 -16.33 -23.75 -17.35
CA SER D 136 -16.04 -22.39 -16.94
C SER D 136 -16.27 -21.47 -18.12
N ASN D 137 -16.84 -20.29 -17.83
CA ASN D 137 -16.82 -19.19 -18.78
C ASN D 137 -15.57 -18.33 -18.62
N GLY D 138 -14.95 -18.36 -17.45
CA GLY D 138 -13.66 -17.73 -17.22
C GLY D 138 -12.84 -18.53 -16.22
N ASP D 139 -12.69 -17.99 -15.02
CA ASP D 139 -12.01 -18.73 -13.96
C ASP D 139 -12.94 -19.80 -13.40
N TYR D 140 -12.44 -21.04 -13.33
CA TYR D 140 -13.30 -22.17 -12.99
C TYR D 140 -13.80 -22.12 -11.55
N TRP D 141 -13.10 -21.41 -10.66
CA TRP D 141 -13.46 -21.42 -9.25
C TRP D 141 -14.49 -20.36 -8.90
N ILE D 142 -14.88 -19.49 -9.82
CA ILE D 142 -15.85 -18.44 -9.53
C ILE D 142 -17.14 -18.61 -10.33
N GLU D 143 -17.05 -19.07 -11.57
CA GLU D 143 -18.26 -19.51 -12.27
C GLU D 143 -17.92 -20.77 -13.06
N GLY D 144 -18.81 -21.73 -13.00
CA GLY D 144 -18.57 -23.00 -13.63
C GLY D 144 -19.13 -24.11 -12.78
N SER D 145 -18.59 -25.31 -13.01
CA SER D 145 -19.11 -26.49 -12.35
C SER D 145 -18.60 -26.62 -10.92
N LEU D 146 -17.40 -26.12 -10.64
CA LEU D 146 -16.80 -26.32 -9.32
C LEU D 146 -17.67 -25.65 -8.26
N ALA D 147 -18.04 -26.42 -7.24
CA ALA D 147 -18.98 -25.97 -6.23
C ALA D 147 -18.74 -26.76 -4.95
N ILE D 148 -18.98 -26.10 -3.82
CA ILE D 148 -18.69 -26.68 -2.51
C ILE D 148 -19.74 -26.18 -1.53
N SER D 149 -20.11 -27.04 -0.59
CA SER D 149 -21.08 -26.65 0.42
C SER D 149 -20.38 -26.11 1.66
N ALA D 150 -21.15 -25.44 2.53
CA ALA D 150 -20.60 -24.92 3.77
C ALA D 150 -20.07 -26.06 4.64
N GLN D 151 -20.80 -27.17 4.71
CA GLN D 151 -20.29 -28.31 5.46
C GLN D 151 -19.04 -28.88 4.84
N GLU D 152 -18.93 -28.85 3.51
CA GLU D 152 -17.73 -29.35 2.86
C GLU D 152 -16.56 -28.38 3.03
N GLN D 153 -16.85 -27.09 3.20
CA GLN D 153 -15.79 -26.15 3.56
C GLN D 153 -15.21 -26.50 4.93
N ILE D 154 -16.07 -26.79 5.91
CA ILE D 154 -15.59 -27.18 7.23
C ILE D 154 -14.67 -28.39 7.12
N ALA D 155 -15.10 -29.40 6.37
CA ALA D 155 -14.31 -30.63 6.22
C ALA D 155 -12.92 -30.32 5.70
N PHE D 156 -12.84 -29.53 4.63
CA PHE D 156 -11.55 -29.16 4.05
C PHE D 156 -10.69 -28.40 5.06
N LEU D 157 -11.28 -27.39 5.70
CA LEU D 157 -10.53 -26.55 6.65
C LEU D 157 -9.94 -27.39 7.77
N ARG D 158 -10.71 -28.34 8.30
CA ARG D 158 -10.21 -29.18 9.37
C ARG D 158 -9.01 -30.00 8.92
N LYS D 159 -9.03 -30.46 7.66
CA LYS D 159 -7.89 -31.21 7.16
C LYS D 159 -6.65 -30.34 7.08
N LEU D 160 -6.82 -29.09 6.62
CA LEU D 160 -5.69 -28.15 6.62
C LEU D 160 -5.19 -27.89 8.04
N TYR D 161 -6.12 -27.66 8.97
CA TYR D 161 -5.77 -27.42 10.37
C TYR D 161 -4.89 -28.53 10.93
N ARG D 162 -5.28 -29.79 10.70
CA ARG D 162 -4.55 -30.96 11.19
C ARG D 162 -3.34 -31.33 10.33
N ASN D 163 -3.02 -30.55 9.30
CA ASN D 163 -1.93 -30.86 8.37
C ASN D 163 -2.14 -32.19 7.66
N GLU D 164 -3.39 -32.56 7.41
CA GLU D 164 -3.71 -33.87 6.83
C GLU D 164 -3.88 -33.83 5.32
N LEU D 165 -3.76 -32.67 4.69
CA LEU D 165 -3.90 -32.62 3.24
C LEU D 165 -2.68 -33.26 2.56
N PRO D 166 -2.85 -33.83 1.38
CA PRO D 166 -1.71 -34.48 0.72
C PRO D 166 -0.72 -33.50 0.12
N PHE D 167 -0.34 -32.48 0.88
CA PHE D 167 0.66 -31.51 0.47
C PHE D 167 1.77 -31.46 1.52
N ARG D 168 2.92 -30.89 1.13
CA ARG D 168 4.00 -30.73 2.08
C ARG D 168 3.49 -29.95 3.29
N VAL D 169 3.96 -30.33 4.48
CA VAL D 169 3.50 -29.65 5.69
C VAL D 169 3.92 -28.19 5.68
N GLU D 170 5.10 -27.88 5.13
CA GLU D 170 5.54 -26.50 5.07
C GLU D 170 4.54 -25.65 4.29
N HIS D 171 4.00 -26.20 3.19
CA HIS D 171 3.05 -25.45 2.39
C HIS D 171 1.72 -25.27 3.12
N GLN D 172 1.26 -26.32 3.81
CA GLN D 172 0.06 -26.19 4.63
C GLN D 172 0.26 -25.13 5.72
N ARG D 173 1.40 -25.16 6.41
CA ARG D 173 1.64 -24.13 7.41
C ARG D 173 1.71 -22.74 6.80
N LEU D 174 2.32 -22.62 5.61
CA LEU D 174 2.40 -21.30 4.99
C LEU D 174 1.01 -20.75 4.67
N VAL D 175 0.14 -21.60 4.12
CA VAL D 175 -1.21 -21.15 3.80
C VAL D 175 -1.97 -20.75 5.06
N LYS D 176 -1.80 -21.51 6.15
CA LYS D 176 -2.47 -21.13 7.40
C LYS D 176 -1.95 -19.80 7.94
N ASP D 177 -0.64 -19.57 7.79
CA ASP D 177 -0.05 -18.27 8.12
C ASP D 177 -0.66 -17.16 7.26
N LEU D 178 -0.77 -17.40 5.95
CA LEU D 178 -1.36 -16.42 5.05
C LEU D 178 -2.84 -16.16 5.34
N MET D 179 -3.53 -17.10 5.98
CA MET D 179 -4.92 -16.85 6.32
C MET D 179 -5.12 -15.97 7.54
N ILE D 180 -4.06 -15.55 8.23
CA ILE D 180 -4.27 -14.82 9.49
C ILE D 180 -4.91 -13.47 9.23
N VAL D 181 -6.02 -13.20 9.90
CA VAL D 181 -6.76 -11.95 9.79
C VAL D 181 -6.62 -11.08 11.04
N GLU D 182 -6.45 -11.68 12.20
CA GLU D 182 -6.49 -10.99 13.49
C GLU D 182 -6.00 -11.98 14.51
N ALA D 183 -5.43 -11.47 15.60
CA ALA D 183 -5.01 -12.34 16.68
C ALA D 183 -4.88 -11.54 17.95
N GLY D 184 -5.18 -12.19 19.08
CA GLY D 184 -4.85 -11.70 20.40
C GLY D 184 -3.84 -12.62 21.07
N ARG D 185 -3.62 -12.35 22.37
CA ARG D 185 -2.56 -13.11 23.06
C ARG D 185 -2.88 -14.59 23.16
N ASN D 186 -4.16 -14.97 23.17
CA ASN D 186 -4.55 -16.37 23.24
C ASN D 186 -5.55 -16.76 22.16
N TRP D 187 -5.61 -16.05 21.03
CA TRP D 187 -6.55 -16.44 19.99
C TRP D 187 -6.03 -15.97 18.64
N ILE D 188 -6.27 -16.78 17.61
CA ILE D 188 -5.82 -16.47 16.24
C ILE D 188 -6.98 -16.78 15.30
N LEU D 189 -7.37 -15.78 14.51
CA LEU D 189 -8.43 -15.90 13.51
C LEU D 189 -7.79 -16.08 12.14
N ARG D 190 -8.09 -17.21 11.49
CA ARG D 190 -7.65 -17.46 10.12
C ARG D 190 -8.87 -17.64 9.24
N ALA D 191 -8.96 -16.89 8.14
CA ALA D 191 -10.20 -16.91 7.38
C ALA D 191 -10.00 -16.31 6.01
N LYS D 192 -11.01 -16.49 5.15
CA LYS D 192 -10.99 -15.91 3.81
C LYS D 192 -12.41 -15.65 3.34
N THR D 193 -12.63 -14.47 2.75
CA THR D 193 -13.91 -14.12 2.16
C THR D 193 -13.98 -14.56 0.70
N GLY D 194 -15.20 -14.65 0.20
CA GLY D 194 -15.43 -14.88 -1.21
C GLY D 194 -16.71 -14.18 -1.64
N TRP D 195 -16.76 -13.78 -2.91
CA TRP D 195 -17.95 -13.18 -3.48
C TRP D 195 -18.10 -13.61 -4.92
N GLU D 196 -19.20 -14.30 -5.22
CA GLU D 196 -19.49 -14.81 -6.55
C GLU D 196 -20.31 -13.84 -7.39
N GLY D 197 -20.94 -12.85 -6.76
CA GLY D 197 -21.81 -11.93 -7.45
C GLY D 197 -23.20 -11.90 -6.84
N ARG D 198 -23.87 -13.07 -6.85
CA ARG D 198 -25.19 -13.21 -6.25
C ARG D 198 -25.13 -13.72 -4.81
N MET D 199 -24.01 -14.32 -4.41
CA MET D 199 -23.83 -14.80 -3.04
C MET D 199 -22.36 -14.60 -2.66
N GLY D 200 -22.08 -14.78 -1.37
CA GLY D 200 -20.72 -14.63 -0.88
C GLY D 200 -20.48 -15.47 0.35
N TRP D 201 -19.21 -15.53 0.77
CA TRP D 201 -18.73 -16.47 1.77
C TRP D 201 -17.91 -15.78 2.85
N TRP D 202 -17.87 -16.40 4.03
CA TRP D 202 -16.74 -16.26 4.94
C TRP D 202 -16.49 -17.61 5.59
N VAL D 203 -15.26 -18.10 5.49
CA VAL D 203 -14.90 -19.40 6.03
C VAL D 203 -13.57 -19.28 6.76
N GLY D 204 -13.38 -20.10 7.78
CA GLY D 204 -12.12 -20.08 8.50
C GLY D 204 -12.29 -20.72 9.86
N TRP D 205 -11.41 -20.33 10.77
CA TRP D 205 -11.54 -20.80 12.15
C TRP D 205 -10.82 -19.86 13.09
N VAL D 206 -11.16 -19.95 14.36
N VAL D 206 -11.18 -19.96 14.37
CA VAL D 206 -10.45 -19.23 15.41
CA VAL D 206 -10.51 -19.26 15.46
C VAL D 206 -9.89 -20.24 16.40
C VAL D 206 -9.89 -20.30 16.36
N GLU D 207 -8.60 -20.14 16.68
CA GLU D 207 -7.89 -21.06 17.56
C GLU D 207 -7.80 -20.47 18.96
N TRP D 208 -8.24 -21.25 19.94
CA TRP D 208 -8.14 -20.88 21.36
C TRP D 208 -7.26 -21.92 22.06
N PRO D 209 -6.83 -21.69 23.32
CA PRO D 209 -5.94 -22.67 23.97
C PRO D 209 -6.55 -24.07 24.06
N THR D 210 -7.85 -24.19 24.26
CA THR D 210 -8.49 -25.49 24.42
C THR D 210 -9.01 -26.08 23.11
N GLY D 211 -8.78 -25.41 21.98
CA GLY D 211 -9.24 -25.93 20.70
C GLY D 211 -9.73 -24.86 19.75
N SER D 212 -10.13 -25.25 18.54
CA SER D 212 -10.48 -24.30 17.49
C SER D 212 -11.96 -24.35 17.15
N VAL D 213 -12.47 -23.22 16.66
CA VAL D 213 -13.87 -23.07 16.30
C VAL D 213 -13.91 -22.76 14.81
N PHE D 214 -14.37 -23.72 14.01
CA PHE D 214 -14.45 -23.58 12.56
C PHE D 214 -15.80 -23.00 12.16
N PHE D 215 -15.79 -22.19 11.12
CA PHE D 215 -17.04 -21.62 10.64
C PHE D 215 -17.04 -21.57 9.12
N ALA D 216 -18.23 -21.67 8.56
CA ALA D 216 -18.41 -21.45 7.12
C ALA D 216 -19.80 -20.87 6.94
N LEU D 217 -19.84 -19.66 6.40
CA LEU D 217 -21.09 -18.96 6.15
C LEU D 217 -21.17 -18.62 4.67
N ASN D 218 -22.37 -18.71 4.12
CA ASN D 218 -22.61 -18.06 2.85
C ASN D 218 -23.97 -17.40 2.92
N ILE D 219 -24.11 -16.28 2.22
CA ILE D 219 -25.36 -15.53 2.16
C ILE D 219 -25.57 -15.10 0.73
N ASP D 220 -26.84 -14.86 0.40
CA ASP D 220 -27.16 -14.16 -0.84
C ASP D 220 -26.73 -12.71 -0.73
N THR D 221 -26.31 -12.13 -1.85
CA THR D 221 -25.92 -10.73 -1.91
C THR D 221 -26.75 -10.03 -2.98
N PRO D 222 -28.07 -9.93 -2.78
CA PRO D 222 -28.91 -9.26 -3.80
C PRO D 222 -28.60 -7.78 -3.94
N ASN D 223 -28.07 -7.13 -2.91
CA ASN D 223 -27.61 -5.76 -2.99
C ASN D 223 -26.15 -5.64 -3.38
N ARG D 224 -25.56 -6.72 -3.90
CA ARG D 224 -24.19 -6.73 -4.41
C ARG D 224 -23.18 -6.13 -3.42
N MET D 225 -22.53 -5.03 -3.82
CA MET D 225 -21.50 -4.40 -2.99
C MET D 225 -21.98 -4.14 -1.56
N ASP D 226 -23.23 -3.68 -1.42
CA ASP D 226 -23.72 -3.24 -0.12
C ASP D 226 -23.88 -4.39 0.86
N ASP D 227 -23.90 -5.64 0.40
CA ASP D 227 -24.12 -6.78 1.28
C ASP D 227 -22.83 -7.43 1.76
N LEU D 228 -21.68 -7.03 1.24
CA LEU D 228 -20.44 -7.75 1.53
C LEU D 228 -20.05 -7.63 3.00
N PHE D 229 -20.40 -6.53 3.67
CA PHE D 229 -20.03 -6.40 5.07
C PHE D 229 -20.75 -7.43 5.93
N LYS D 230 -21.90 -7.93 5.48
CA LYS D 230 -22.68 -8.86 6.28
C LYS D 230 -22.01 -10.22 6.42
N ARG D 231 -21.11 -10.58 5.51
CA ARG D 231 -20.43 -11.87 5.63
C ARG D 231 -19.67 -11.97 6.95
N GLU D 232 -18.84 -10.96 7.24
CA GLU D 232 -18.13 -10.98 8.52
C GLU D 232 -19.04 -10.59 9.68
N ALA D 233 -19.97 -9.67 9.45
CA ALA D 233 -20.77 -9.14 10.56
C ALA D 233 -21.59 -10.25 11.21
N ILE D 234 -22.22 -11.10 10.40
CA ILE D 234 -23.04 -12.17 10.94
C ILE D 234 -22.19 -13.18 11.68
N VAL D 235 -21.10 -13.64 11.05
CA VAL D 235 -20.21 -14.63 11.69
C VAL D 235 -19.65 -14.09 13.00
N ARG D 236 -19.17 -12.85 13.01
CA ARG D 236 -18.59 -12.29 14.23
C ARG D 236 -19.63 -12.21 15.34
N ALA D 237 -20.86 -11.82 15.01
CA ALA D 237 -21.89 -11.74 16.06
C ALA D 237 -22.19 -13.12 16.63
N ILE D 238 -22.22 -14.14 15.78
CA ILE D 238 -22.47 -15.50 16.25
C ILE D 238 -21.27 -16.02 17.05
N LEU D 239 -20.04 -15.75 16.57
CA LEU D 239 -18.86 -16.19 17.31
C LEU D 239 -18.75 -15.51 18.66
N ARG D 240 -19.05 -14.21 18.72
N ARG D 240 -19.04 -14.20 18.72
CA ARG D 240 -19.03 -13.51 20.01
CA ARG D 240 -19.03 -13.51 20.00
C ARG D 240 -20.07 -14.06 20.96
C ARG D 240 -20.06 -14.08 20.96
N SER D 241 -21.19 -14.56 20.43
CA SER D 241 -22.26 -15.09 21.27
C SER D 241 -21.91 -16.43 21.89
N ILE D 242 -20.95 -17.17 21.33
CA ILE D 242 -20.43 -18.38 21.94
C ILE D 242 -19.02 -18.16 22.47
N GLU D 243 -18.63 -16.90 22.66
CA GLU D 243 -17.33 -16.55 23.24
C GLU D 243 -16.17 -17.14 22.45
N ALA D 244 -16.35 -17.26 21.13
CA ALA D 244 -15.30 -17.71 20.22
C ALA D 244 -14.55 -16.54 19.60
N LEU D 245 -14.98 -15.32 19.87
CA LEU D 245 -14.21 -14.11 19.61
C LEU D 245 -14.43 -13.19 20.79
N PRO D 246 -13.45 -12.35 21.12
CA PRO D 246 -13.61 -11.42 22.24
C PRO D 246 -14.61 -10.34 21.89
N PRO D 247 -15.24 -9.71 22.91
CA PRO D 247 -16.24 -8.65 22.72
C PRO D 247 -15.76 -7.48 21.87
OAC NXL E . 12.77 -16.26 30.77
CAN NXL E . 12.02 -17.21 30.93
N NXL E . 11.48 -17.58 32.10
CAJ NXL E . 10.37 -18.52 32.21
CA NXL E . 11.94 -17.02 33.39
C NXL E . 12.60 -18.08 34.28
O NXL E . 12.94 -19.15 33.84
NAA NXL E . 12.81 -17.77 35.71
CB NXL E . 10.78 -16.36 34.10
CAH NXL E . 9.58 -17.29 34.24
CAO NXL E . 9.16 -17.85 32.89
NAK NXL E . 8.47 -16.87 32.03
OAL NXL E . 9.38 -15.85 31.54
SAR NXL E . 8.74 -14.77 30.60
OAD NXL E . 9.84 -13.87 30.30
OAE NXL E . 7.67 -14.11 31.32
OAG NXL E . 8.26 -15.47 29.42
C1 EDO F . 30.61 -32.45 24.49
O1 EDO F . 29.41 -33.20 24.21
C2 EDO F . 30.81 -32.33 25.99
O2 EDO F . 31.90 -31.42 26.26
CA CA G . 12.60 -3.68 2.25
OAC NXL H . 19.14 26.89 -15.68
CAN NXL H . 18.41 27.37 -16.52
N NXL H . 18.80 27.67 -17.78
CAJ NXL H . 17.84 27.81 -18.88
CA NXL H . 20.21 27.81 -18.14
C NXL H . 20.54 29.25 -18.54
O NXL H . 19.93 30.18 -18.05
NAA NXL H . 21.61 29.50 -19.52
CB NXL H . 20.56 26.83 -19.25
CAH NXL H . 19.59 26.90 -20.42
CAO NXL H . 18.15 26.73 -19.95
NAK NXL H . 17.81 25.36 -19.52
OAL NXL H . 18.48 24.94 -18.30
SAR NXL H . 18.08 23.50 -17.80
OAD NXL H . 18.27 22.61 -18.92
OAE NXL H . 18.94 23.17 -16.69
OAG NXL H . 16.70 23.61 -17.40
C1 EDO I . 10.02 46.97 0.11
O1 EDO I . 10.03 47.48 -1.23
C2 EDO I . 9.08 47.74 1.02
O2 EDO I . 9.35 47.30 2.36
C1 PEG J . 31.57 24.98 -6.60
O1 PEG J . 31.53 24.64 -7.96
C2 PEG J . 31.91 23.82 -5.72
O2 PEG J . 31.82 24.17 -4.35
C3 PEG J . 32.16 23.09 -3.48
C4 PEG J . 31.87 23.46 -2.05
O4 PEG J . 32.13 22.41 -1.14
C1 PEG K . 31.45 26.62 -17.78
O1 PEG K . 30.82 26.51 -19.05
C2 PEG K . 32.18 25.36 -17.40
O2 PEG K . 32.54 25.40 -16.02
C3 PEG K . 33.46 24.36 -15.68
C4 PEG K . 33.77 24.37 -14.21
O4 PEG K . 32.66 24.04 -13.39
C1 PEG L . 2.00 25.90 -26.57
O1 PEG L . 1.70 27.29 -26.51
C2 PEG L . 3.46 25.63 -26.34
O2 PEG L . 3.73 24.23 -26.47
C3 PEG L . 4.70 23.95 -27.48
C4 PEG L . 6.02 23.61 -26.84
O4 PEG L . 6.45 22.29 -27.16
CA CA M . 5.64 10.18 7.09
OAC NXL N . -17.48 2.69 -9.87
CAN NXL N . -17.00 2.74 -8.75
N NXL N . -16.90 1.67 -7.93
CAJ NXL N . -16.02 1.64 -6.76
CA NXL N . -17.55 0.40 -8.27
C NXL N . -18.63 0.01 -7.25
O NXL N . -19.01 0.80 -6.40
NAA NXL N . -19.23 -1.33 -7.33
CB NXL N . -16.51 -0.70 -8.42
CAH NXL N . -15.49 -0.73 -7.29
CAO NXL N . -14.89 0.66 -7.08
NAK NXL N . -14.21 1.18 -8.28
OAL NXL N . -13.40 0.20 -8.96
SAR NXL N . -13.03 0.79 -10.38
OAD NXL N . -14.27 0.97 -11.11
OAE NXL N . -12.16 -0.19 -11.01
OAG NXL N . -12.35 2.05 -10.14
C TRS O . -3.25 24.48 -30.62
C1 TRS O . -2.87 25.32 -29.40
C2 TRS O . -2.00 23.69 -31.02
C3 TRS O . -4.45 23.58 -30.28
N TRS O . -3.61 25.35 -31.75
O1 TRS O . -3.58 24.83 -28.28
O2 TRS O . -2.00 23.37 -32.40
O3 TRS O . -5.71 24.23 -30.26
OAC NXL P . -14.41 -13.97 -4.26
CAN NXL P . -13.36 -13.47 -4.62
N NXL P . -13.27 -12.37 -5.40
CAJ NXL P . -12.01 -11.63 -5.58
CA NXL P . -14.46 -11.82 -6.06
C NXL P . -14.37 -11.95 -7.59
O NXL P . -13.47 -12.59 -8.10
NAA NXL P . -15.38 -11.29 -8.43
CB NXL P . -14.64 -10.36 -5.64
CAH NXL P . -13.38 -9.56 -5.84
CAO NXL P . -12.20 -10.18 -5.09
NAK NXL P . -12.29 -10.05 -3.63
OAL NXL P . -13.30 -10.89 -3.02
SAR NXL P . -13.48 -10.67 -1.48
OAD NXL P . -13.81 -9.27 -1.29
OAE NXL P . -14.55 -11.55 -1.09
OAG NXL P . -12.21 -11.01 -0.85
#